data_6PCP
#
_entry.id   6PCP
#
_cell.length_a   77.543
_cell.length_b   110.571
_cell.length_c   273.331
_cell.angle_alpha   90.00
_cell.angle_beta   90.00
_cell.angle_gamma   90.00
#
_symmetry.space_group_name_H-M   'C 2 2 21'
#
loop_
_entity.id
_entity.type
_entity.pdbx_description
1 polymer 'MarR family transcriptional regulator'
2 non-polymer '6-hydroxypyridine-3-carboxylic acid'
3 water water
#
_entity_poly.entity_id   1
_entity_poly.type   'polypeptide(L)'
_entity_poly.pdbx_seq_one_letter_code
;MPASQDKLDVPPGPYHFSEQVGHLLRRAYQRHVAIFQQTIPDSKLTAAQFVVLCALRDQGACSLVDVVKATAIDQATVRG
VIERLKARKLLAVSHDPADRRKVLVTLTPDGRALVEEMVPFAEQITQSTFGGLNPAERVAIVYLLRKMSDADDLVGRQSD
S
;
_entity_poly.pdbx_strand_id   A,B,C,D,E,F
#
loop_
_chem_comp.id
_chem_comp.type
_chem_comp.name
_chem_comp.formula
OA7 non-polymer '6-hydroxypyridine-3-carboxylic acid' 'C6 H5 N O3'
#
# COMPACT_ATOMS: atom_id res chain seq x y z
N PRO A 12 19.89 32.87 -41.42
CA PRO A 12 20.24 31.97 -40.32
C PRO A 12 20.18 30.50 -40.74
N GLY A 13 19.16 30.19 -41.53
CA GLY A 13 18.87 28.82 -41.90
C GLY A 13 17.82 28.20 -41.01
N PRO A 14 17.24 27.09 -41.46
CA PRO A 14 16.23 26.40 -40.64
C PRO A 14 16.75 25.99 -39.27
N TYR A 15 15.81 25.81 -38.34
CA TYR A 15 16.16 25.36 -37.00
C TYR A 15 16.31 23.85 -37.04
N HIS A 16 17.51 23.38 -36.69
CA HIS A 16 17.78 21.95 -36.56
C HIS A 16 18.14 21.69 -35.10
N PHE A 17 17.26 20.97 -34.40
CA PHE A 17 17.52 20.63 -33.02
C PHE A 17 18.76 19.76 -32.89
N SER A 18 19.08 18.99 -33.93
CA SER A 18 20.21 18.06 -33.90
C SER A 18 21.53 18.75 -33.60
N GLU A 19 21.63 20.06 -33.83
CA GLU A 19 22.87 20.81 -33.61
C GLU A 19 22.73 21.80 -32.46
N GLN A 20 21.75 21.63 -31.59
CA GLN A 20 21.59 22.48 -30.43
C GLN A 20 22.30 21.85 -29.23
N VAL A 21 22.84 22.70 -28.36
CA VAL A 21 23.65 22.22 -27.24
C VAL A 21 22.82 21.34 -26.31
N GLY A 22 21.51 21.56 -26.24
CA GLY A 22 20.68 20.75 -25.38
C GLY A 22 20.51 19.33 -25.89
N HIS A 23 20.35 19.18 -27.21
CA HIS A 23 20.26 17.86 -27.82
C HIS A 23 21.55 17.08 -27.60
N LEU A 24 22.69 17.76 -27.77
CA LEU A 24 23.98 17.12 -27.57
C LEU A 24 24.18 16.73 -26.11
N LEU A 25 23.78 17.61 -25.19
CA LEU A 25 23.85 17.28 -23.76
C LEU A 25 22.99 16.06 -23.43
N ARG A 26 21.75 16.04 -23.91
CA ARG A 26 20.89 14.89 -23.63
C ARG A 26 21.50 13.60 -24.16
N ARG A 27 21.98 13.62 -25.42
CA ARG A 27 22.51 12.40 -26.01
C ARG A 27 23.76 11.93 -25.28
N ALA A 28 24.66 12.87 -24.93
CA ALA A 28 25.86 12.51 -24.20
C ALA A 28 25.51 11.91 -22.84
N TYR A 29 24.57 12.54 -22.13
CA TYR A 29 24.15 12.04 -20.83
C TYR A 29 23.50 10.66 -20.93
N GLN A 30 22.69 10.43 -21.98
CA GLN A 30 22.08 9.12 -22.15
C GLN A 30 23.13 8.05 -22.42
N ARG A 31 24.13 8.38 -23.26
CA ARG A 31 25.20 7.43 -23.54
C ARG A 31 26.00 7.11 -22.27
N HIS A 32 26.32 8.15 -21.49
CA HIS A 32 27.06 7.92 -20.25
C HIS A 32 26.25 7.12 -19.25
N VAL A 33 24.93 7.34 -19.20
CA VAL A 33 24.09 6.57 -18.29
C VAL A 33 24.06 5.10 -18.73
N ALA A 34 24.02 4.87 -20.04
CA ALA A 34 24.09 3.50 -20.54
C ALA A 34 25.41 2.84 -20.16
N ILE A 35 26.51 3.60 -20.23
CA ILE A 35 27.81 3.04 -19.85
C ILE A 35 27.84 2.73 -18.36
N PHE A 36 27.39 3.66 -17.53
CA PHE A 36 27.32 3.44 -16.09
C PHE A 36 26.51 2.19 -15.76
N GLN A 37 25.36 2.01 -16.42
CA GLN A 37 24.51 0.87 -16.11
C GLN A 37 25.08 -0.43 -16.66
N GLN A 38 25.82 -0.38 -17.76
CA GLN A 38 26.44 -1.57 -18.32
C GLN A 38 27.71 -1.99 -17.59
N THR A 39 28.32 -1.09 -16.82
CA THR A 39 29.51 -1.43 -16.06
C THR A 39 29.24 -1.74 -14.59
N ILE A 40 28.37 -0.98 -13.94
CA ILE A 40 27.91 -1.24 -12.58
C ILE A 40 26.44 -1.63 -12.68
N PRO A 41 26.05 -2.85 -12.33
CA PRO A 41 24.66 -3.26 -12.54
C PRO A 41 23.72 -2.39 -11.72
N ASP A 42 22.65 -1.93 -12.39
CA ASP A 42 21.64 -1.08 -11.77
C ASP A 42 21.08 -1.73 -10.50
N SER A 43 21.10 -3.07 -10.44
CA SER A 43 20.56 -3.79 -9.30
C SER A 43 21.36 -3.51 -8.01
N LYS A 44 22.68 -3.45 -8.11
CA LYS A 44 23.50 -3.28 -6.91
C LYS A 44 23.44 -1.86 -6.37
N LEU A 45 23.78 -0.88 -7.20
CA LEU A 45 23.77 0.53 -6.82
C LEU A 45 23.42 1.36 -8.04
N THR A 46 22.60 2.38 -7.82
CA THR A 46 22.35 3.37 -8.84
C THR A 46 23.33 4.53 -8.71
N ALA A 47 23.51 5.26 -9.80
CA ALA A 47 24.38 6.43 -9.76
C ALA A 47 23.96 7.38 -8.63
N ALA A 48 22.65 7.52 -8.43
CA ALA A 48 22.17 8.40 -7.36
C ALA A 48 22.59 7.89 -5.98
N GLN A 49 22.33 6.61 -5.71
CA GLN A 49 22.71 6.02 -4.43
C GLN A 49 24.23 6.04 -4.25
N PHE A 50 24.97 5.69 -5.32
CA PHE A 50 26.44 5.69 -5.25
C PHE A 50 26.95 7.08 -4.91
N VAL A 51 26.39 8.11 -5.54
CA VAL A 51 26.86 9.47 -5.31
C VAL A 51 26.47 9.94 -3.91
N VAL A 52 25.30 9.56 -3.42
CA VAL A 52 24.91 9.95 -2.06
C VAL A 52 25.83 9.32 -1.03
N LEU A 53 26.16 8.03 -1.21
CA LEU A 53 27.09 7.37 -0.30
C LEU A 53 28.48 7.98 -0.38
N CYS A 54 28.94 8.30 -1.60
CA CYS A 54 30.24 8.94 -1.75
C CYS A 54 30.27 10.31 -1.07
N ALA A 55 29.17 11.06 -1.15
CA ALA A 55 29.09 12.34 -0.46
C ALA A 55 29.18 12.15 1.05
N LEU A 56 28.45 11.17 1.58
CA LEU A 56 28.54 10.88 3.01
C LEU A 56 29.96 10.48 3.41
N ARG A 57 30.66 9.78 2.52
CA ARG A 57 32.04 9.39 2.79
C ARG A 57 32.98 10.59 2.78
N ASP A 58 32.77 11.52 1.86
CA ASP A 58 33.69 12.64 1.69
C ASP A 58 33.48 13.72 2.74
N GLN A 59 32.25 13.95 3.16
CA GLN A 59 31.93 15.03 4.09
C GLN A 59 31.61 14.55 5.49
N GLY A 60 31.54 13.24 5.72
CA GLY A 60 31.26 12.75 7.06
C GLY A 60 29.78 12.71 7.29
N ALA A 61 29.36 13.22 8.45
CA ALA A 61 27.93 13.32 8.76
C ALA A 61 27.35 14.52 8.03
N CYS A 62 26.29 14.29 7.27
CA CYS A 62 25.68 15.32 6.45
C CYS A 62 24.20 15.40 6.76
N SER A 63 23.64 16.59 6.63
CA SER A 63 22.21 16.78 6.71
C SER A 63 21.64 16.83 5.30
N LEU A 64 20.31 16.72 5.21
CA LEU A 64 19.64 16.71 3.91
C LEU A 64 20.06 17.91 3.06
N VAL A 65 20.19 19.08 3.69
CA VAL A 65 20.64 20.26 2.96
C VAL A 65 22.08 20.07 2.48
N ASP A 66 22.94 19.51 3.33
CA ASP A 66 24.31 19.25 2.93
C ASP A 66 24.38 18.25 1.78
N VAL A 67 23.59 17.16 1.89
CA VAL A 67 23.59 16.14 0.84
C VAL A 67 23.08 16.72 -0.48
N VAL A 68 22.06 17.57 -0.42
CA VAL A 68 21.57 18.21 -1.64
C VAL A 68 22.63 19.12 -2.25
N LYS A 69 23.19 20.03 -1.44
CA LYS A 69 24.14 21.01 -1.95
C LYS A 69 25.41 20.35 -2.49
N ALA A 70 25.77 19.19 -1.94
CA ALA A 70 26.98 18.49 -2.39
C ALA A 70 26.69 17.54 -3.54
N THR A 71 25.46 17.04 -3.64
CA THR A 71 25.09 15.98 -4.57
C THR A 71 24.35 16.51 -5.78
N ALA A 72 23.82 17.74 -5.72
CA ALA A 72 23.06 18.34 -6.81
C ALA A 72 21.91 17.45 -7.24
N ILE A 73 21.20 16.91 -6.25
CA ILE A 73 19.99 16.13 -6.48
C ILE A 73 18.90 16.72 -5.61
N ASP A 74 17.70 16.84 -6.17
CA ASP A 74 16.61 17.54 -5.49
C ASP A 74 16.27 16.83 -4.18
N GLN A 75 15.72 17.61 -3.24
CA GLN A 75 15.43 17.12 -1.90
C GLN A 75 14.61 15.83 -1.92
N ALA A 76 13.62 15.74 -2.81
CA ALA A 76 12.75 14.57 -2.86
C ALA A 76 13.51 13.30 -3.26
N THR A 77 14.29 13.39 -4.35
CA THR A 77 15.04 12.22 -4.80
C THR A 77 16.10 11.82 -3.76
N VAL A 78 16.70 12.81 -3.09
CA VAL A 78 17.65 12.52 -2.03
C VAL A 78 16.96 11.81 -0.88
N ARG A 79 15.76 12.25 -0.50
CA ARG A 79 15.03 11.58 0.58
C ARG A 79 14.71 10.13 0.20
N GLY A 80 14.26 9.90 -1.03
CA GLY A 80 13.97 8.55 -1.46
C GLY A 80 15.20 7.66 -1.44
N VAL A 81 16.33 8.18 -1.93
CA VAL A 81 17.57 7.43 -1.92
C VAL A 81 18.01 7.14 -0.48
N ILE A 82 17.84 8.11 0.41
CA ILE A 82 18.21 7.92 1.82
C ILE A 82 17.40 6.79 2.42
N GLU A 83 16.10 6.75 2.13
CA GLU A 83 15.27 5.65 2.62
C GLU A 83 15.77 4.31 2.06
N ARG A 84 15.97 4.25 0.74
CA ARG A 84 16.35 2.99 0.11
C ARG A 84 17.71 2.49 0.60
N LEU A 85 18.60 3.40 1.00
CA LEU A 85 19.92 3.01 1.48
C LEU A 85 19.93 2.69 2.97
N LYS A 86 19.18 3.44 3.77
CA LYS A 86 19.03 3.12 5.19
C LYS A 86 18.41 1.75 5.36
N ALA A 87 17.50 1.36 4.47
CA ALA A 87 16.94 0.01 4.53
C ALA A 87 18.01 -1.06 4.36
N ARG A 88 19.04 -0.79 3.57
CA ARG A 88 20.12 -1.74 3.34
C ARG A 88 21.23 -1.65 4.37
N LYS A 89 21.06 -0.82 5.40
CA LYS A 89 22.09 -0.58 6.42
C LYS A 89 23.37 -0.06 5.79
N LEU A 90 23.20 0.71 4.71
CA LEU A 90 24.30 1.38 4.03
C LEU A 90 24.46 2.84 4.45
N LEU A 91 23.48 3.39 5.17
CA LEU A 91 23.64 4.68 5.83
C LEU A 91 22.81 4.64 7.11
N ALA A 92 23.07 5.62 7.97
CA ALA A 92 22.40 5.73 9.26
C ALA A 92 21.79 7.11 9.40
N VAL A 93 20.70 7.19 10.16
CA VAL A 93 19.95 8.43 10.35
C VAL A 93 19.95 8.73 11.84
N SER A 94 20.77 9.69 12.25
CA SER A 94 20.92 10.14 13.62
C SER A 94 20.23 11.48 13.79
N HIS A 95 20.21 11.94 15.04
CA HIS A 95 19.58 13.20 15.42
C HIS A 95 20.65 14.29 15.51
N ASP A 96 20.38 15.44 14.87
CA ASP A 96 21.24 16.61 14.91
C ASP A 96 21.71 16.94 16.32
N PRO A 97 23.03 16.90 16.58
CA PRO A 97 23.54 17.34 17.88
C PRO A 97 23.43 18.85 18.09
N ALA A 98 22.44 19.47 17.43
CA ALA A 98 22.21 20.91 17.54
C ALA A 98 20.77 21.26 17.23
N ASP A 99 20.00 20.28 16.73
CA ASP A 99 18.58 20.48 16.42
C ASP A 99 17.91 19.11 16.52
N ARG A 100 17.51 18.75 17.75
CA ARG A 100 16.98 17.42 18.06
C ARG A 100 15.78 17.04 17.21
N ARG A 101 15.28 17.97 16.39
CA ARG A 101 14.21 17.69 15.45
C ARG A 101 14.71 17.72 14.01
N LYS A 102 16.01 17.53 13.80
CA LYS A 102 16.56 17.46 12.46
C LYS A 102 17.19 16.10 12.23
N VAL A 103 17.39 15.78 10.96
CA VAL A 103 18.06 14.56 10.53
C VAL A 103 19.53 14.84 10.30
N LEU A 104 20.35 13.81 10.53
CA LEU A 104 21.78 13.83 10.20
C LEU A 104 22.14 12.46 9.67
N VAL A 105 22.66 12.40 8.46
CA VAL A 105 22.93 11.14 7.78
C VAL A 105 24.42 10.83 7.89
N THR A 106 24.73 9.60 8.27
CA THR A 106 26.11 9.17 8.44
C THR A 106 26.34 7.89 7.65
N LEU A 107 27.60 7.57 7.43
CA LEU A 107 27.98 6.41 6.65
C LEU A 107 28.22 5.20 7.56
N THR A 108 27.86 4.02 7.07
CA THR A 108 28.07 2.77 7.79
C THR A 108 29.27 2.02 7.25
N PRO A 109 29.82 1.09 8.03
CA PRO A 109 30.90 0.25 7.48
C PRO A 109 30.49 -0.48 6.22
N ASP A 110 29.25 -0.98 6.17
CA ASP A 110 28.75 -1.63 4.96
C ASP A 110 28.67 -0.64 3.81
N GLY A 111 28.27 0.60 4.09
CA GLY A 111 28.22 1.62 3.06
C GLY A 111 29.60 1.97 2.53
N ARG A 112 30.56 2.17 3.44
CA ARG A 112 31.92 2.48 3.00
C ARG A 112 32.53 1.31 2.23
N ALA A 113 32.21 0.08 2.65
CA ALA A 113 32.72 -1.09 1.93
C ALA A 113 32.15 -1.15 0.53
N LEU A 114 30.86 -0.85 0.37
CA LEU A 114 30.26 -0.84 -0.96
C LEU A 114 30.86 0.27 -1.83
N VAL A 115 31.07 1.46 -1.24
CA VAL A 115 31.68 2.56 -1.98
C VAL A 115 33.07 2.16 -2.48
N GLU A 116 33.90 1.61 -1.58
CA GLU A 116 35.25 1.23 -1.97
C GLU A 116 35.23 0.07 -2.97
N GLU A 117 34.20 -0.78 -2.92
CA GLU A 117 34.09 -1.86 -3.90
C GLU A 117 33.75 -1.32 -5.27
N MET A 118 32.95 -0.25 -5.34
CA MET A 118 32.47 0.25 -6.62
C MET A 118 33.38 1.31 -7.25
N VAL A 119 34.22 1.98 -6.45
CA VAL A 119 35.06 3.07 -6.97
C VAL A 119 35.84 2.71 -8.23
N PRO A 120 36.53 1.56 -8.32
CA PRO A 120 37.25 1.25 -9.57
C PRO A 120 36.34 1.20 -10.77
N PHE A 121 35.09 0.76 -10.59
CA PHE A 121 34.15 0.68 -11.70
C PHE A 121 33.70 2.06 -12.14
N ALA A 122 33.50 2.97 -11.19
CA ALA A 122 33.18 4.35 -11.56
C ALA A 122 34.34 5.01 -12.29
N GLU A 123 35.58 4.66 -11.93
CA GLU A 123 36.72 5.18 -12.67
C GLU A 123 36.77 4.63 -14.08
N GLN A 124 36.51 3.33 -14.24
CA GLN A 124 36.39 2.75 -15.58
C GLN A 124 35.28 3.43 -16.37
N ILE A 125 34.20 3.79 -15.68
CA ILE A 125 33.06 4.43 -16.34
C ILE A 125 33.47 5.81 -16.85
N THR A 126 34.15 6.59 -16.00
CA THR A 126 34.67 7.87 -16.44
C THR A 126 35.58 7.71 -17.65
N GLN A 127 36.43 6.69 -17.65
CA GLN A 127 37.37 6.52 -18.75
C GLN A 127 36.67 6.11 -20.04
N SER A 128 35.71 5.19 -19.96
CA SER A 128 34.98 4.76 -21.15
C SER A 128 34.07 5.86 -21.66
N THR A 129 33.50 6.66 -20.76
CA THR A 129 32.63 7.76 -21.16
C THR A 129 33.40 8.78 -22.01
N PHE A 130 34.61 9.14 -21.58
CA PHE A 130 35.43 10.07 -22.34
C PHE A 130 35.70 9.55 -23.74
N GLY A 131 35.73 8.23 -23.93
CA GLY A 131 35.96 7.67 -25.24
C GLY A 131 37.33 8.09 -25.75
N GLY A 132 37.37 8.55 -27.00
CA GLY A 132 38.60 8.90 -27.67
C GLY A 132 39.08 10.31 -27.45
N LEU A 133 38.54 11.03 -26.48
CA LEU A 133 38.99 12.40 -26.23
C LEU A 133 40.43 12.40 -25.75
N ASN A 134 41.25 13.29 -26.33
CA ASN A 134 42.61 13.48 -25.89
C ASN A 134 42.62 14.26 -24.57
N PRO A 135 43.76 14.26 -23.85
CA PRO A 135 43.77 14.91 -22.52
C PRO A 135 43.23 16.33 -22.50
N ALA A 136 43.62 17.13 -23.49
CA ALA A 136 43.13 18.50 -23.56
C ALA A 136 41.61 18.52 -23.74
N GLU A 137 41.09 17.64 -24.60
CA GLU A 137 39.64 17.57 -24.81
C GLU A 137 38.90 17.11 -23.55
N ARG A 138 39.52 16.25 -22.75
CA ARG A 138 38.90 15.80 -21.51
C ARG A 138 38.81 16.95 -20.51
N VAL A 139 39.94 17.65 -20.29
CA VAL A 139 39.93 18.81 -19.43
C VAL A 139 38.93 19.85 -19.94
N ALA A 140 38.87 20.03 -21.26
CA ALA A 140 37.97 21.04 -21.82
C ALA A 140 36.51 20.68 -21.56
N ILE A 141 36.13 19.41 -21.74
CA ILE A 141 34.72 19.07 -21.58
C ILE A 141 34.32 19.18 -20.11
N VAL A 142 35.19 18.79 -19.19
CA VAL A 142 34.82 18.92 -17.78
C VAL A 142 34.79 20.40 -17.37
N TYR A 143 35.75 21.20 -17.85
CA TYR A 143 35.76 22.63 -17.57
C TYR A 143 34.46 23.29 -18.04
N LEU A 144 34.06 22.99 -19.28
CA LEU A 144 32.92 23.69 -19.87
C LEU A 144 31.62 23.20 -19.25
N LEU A 145 31.50 21.92 -18.95
CA LEU A 145 30.31 21.43 -18.28
C LEU A 145 30.18 22.02 -16.87
N ARG A 146 31.31 22.31 -16.21
CA ARG A 146 31.22 22.97 -14.90
C ARG A 146 30.88 24.45 -15.05
N LYS A 147 31.50 25.12 -16.02
CA LYS A 147 31.26 26.54 -16.23
C LYS A 147 29.83 26.81 -16.67
N MET A 148 29.24 25.89 -17.42
CA MET A 148 27.88 26.06 -17.92
C MET A 148 26.83 25.89 -16.82
N SER A 149 27.15 25.17 -15.75
CA SER A 149 26.19 24.88 -14.68
C SER A 149 26.15 25.95 -13.60
N ASP A 150 26.33 27.23 -13.95
CA ASP A 150 26.28 28.29 -12.96
C ASP A 150 25.72 29.56 -13.60
N ALA A 151 25.08 30.39 -12.78
CA ALA A 151 24.49 31.64 -13.24
C ALA A 151 25.59 32.67 -13.54
N PRO B 12 -34.97 12.32 -25.27
CA PRO B 12 -36.31 12.07 -24.73
C PRO B 12 -36.65 12.94 -23.52
N GLY B 13 -37.06 12.29 -22.43
CA GLY B 13 -37.40 12.94 -21.19
C GLY B 13 -36.36 13.95 -20.72
N PRO B 14 -36.71 14.77 -19.73
CA PRO B 14 -35.74 15.75 -19.22
C PRO B 14 -34.45 15.05 -18.83
N TYR B 15 -33.34 15.76 -18.98
CA TYR B 15 -32.04 15.18 -18.74
C TYR B 15 -31.67 15.35 -17.27
N HIS B 16 -31.46 14.22 -16.59
CA HIS B 16 -30.95 14.19 -15.23
C HIS B 16 -29.62 13.45 -15.26
N PHE B 17 -28.53 14.17 -15.01
CA PHE B 17 -27.20 13.55 -15.02
C PHE B 17 -27.08 12.48 -13.95
N SER B 18 -27.80 12.64 -12.83
CA SER B 18 -27.74 11.69 -11.73
C SER B 18 -28.19 10.29 -12.14
N GLU B 19 -28.93 10.17 -13.23
CA GLU B 19 -29.51 8.90 -13.65
C GLU B 19 -28.87 8.36 -14.93
N GLN B 20 -27.73 8.90 -15.33
CA GLN B 20 -27.03 8.41 -16.51
C GLN B 20 -25.96 7.41 -16.10
N VAL B 21 -25.74 6.41 -16.96
CA VAL B 21 -24.84 5.32 -16.65
C VAL B 21 -23.40 5.82 -16.48
N GLY B 22 -23.05 6.93 -17.12
CA GLY B 22 -21.68 7.42 -16.99
C GLY B 22 -21.39 8.02 -15.63
N HIS B 23 -22.34 8.80 -15.09
CA HIS B 23 -22.17 9.35 -13.75
C HIS B 23 -22.06 8.23 -12.72
N LEU B 24 -22.91 7.20 -12.86
CA LEU B 24 -22.88 6.06 -11.94
C LEU B 24 -21.58 5.28 -12.08
N LEU B 25 -21.10 5.11 -13.31
CA LEU B 25 -19.82 4.45 -13.54
C LEU B 25 -18.69 5.19 -12.84
N ARG B 26 -18.65 6.52 -13.03
CA ARG B 26 -17.61 7.32 -12.37
C ARG B 26 -17.70 7.18 -10.85
N ARG B 27 -18.92 7.27 -10.32
CA ARG B 27 -19.09 7.20 -8.86
C ARG B 27 -18.65 5.85 -8.33
N ALA B 28 -19.01 4.77 -9.02
CA ALA B 28 -18.61 3.43 -8.59
C ALA B 28 -17.10 3.26 -8.63
N TYR B 29 -16.47 3.70 -9.73
CA TYR B 29 -15.03 3.58 -9.85
C TYR B 29 -14.30 4.42 -8.79
N GLN B 30 -14.79 5.63 -8.53
CA GLN B 30 -14.16 6.47 -7.51
C GLN B 30 -14.33 5.88 -6.11
N ARG B 31 -15.50 5.33 -5.82
CA ARG B 31 -15.69 4.68 -4.53
C ARG B 31 -14.77 3.46 -4.40
N HIS B 32 -14.65 2.67 -5.45
CA HIS B 32 -13.75 1.52 -5.40
C HIS B 32 -12.30 1.97 -5.24
N VAL B 33 -11.93 3.09 -5.85
CA VAL B 33 -10.57 3.60 -5.68
C VAL B 33 -10.35 4.08 -4.26
N ALA B 34 -11.37 4.71 -3.66
CA ALA B 34 -11.26 5.10 -2.25
C ALA B 34 -11.11 3.89 -1.35
N ILE B 35 -11.84 2.81 -1.65
CA ILE B 35 -11.73 1.58 -0.86
C ILE B 35 -10.34 0.96 -1.03
N PHE B 36 -9.88 0.85 -2.28
CA PHE B 36 -8.57 0.31 -2.57
C PHE B 36 -7.48 1.07 -1.82
N GLN B 37 -7.57 2.41 -1.82
CA GLN B 37 -6.56 3.23 -1.17
C GLN B 37 -6.68 3.18 0.35
N GLN B 38 -7.90 2.98 0.87
CA GLN B 38 -8.10 2.87 2.30
C GLN B 38 -7.70 1.49 2.84
N THR B 39 -7.59 0.49 1.97
CA THR B 39 -7.15 -0.83 2.38
C THR B 39 -5.68 -1.09 2.04
N ILE B 40 -5.23 -0.71 0.85
CA ILE B 40 -3.82 -0.78 0.49
C ILE B 40 -3.33 0.66 0.30
N PRO B 41 -2.47 1.17 1.18
CA PRO B 41 -2.00 2.55 1.03
C PRO B 41 -1.11 2.70 -0.20
N ASP B 42 -1.27 3.82 -0.91
CA ASP B 42 -0.41 4.11 -2.06
C ASP B 42 1.06 4.01 -1.69
N SER B 43 1.39 4.19 -0.41
CA SER B 43 2.77 4.13 0.03
C SER B 43 3.37 2.76 -0.25
N LYS B 44 2.62 1.69 0.03
CA LYS B 44 3.12 0.33 -0.19
C LYS B 44 3.03 -0.06 -1.66
N LEU B 45 1.82 -0.01 -2.23
CA LEU B 45 1.58 -0.39 -3.61
C LEU B 45 0.43 0.43 -4.18
N THR B 46 0.56 0.80 -5.45
CA THR B 46 -0.57 1.39 -6.15
C THR B 46 -1.36 0.30 -6.86
N ALA B 47 -2.62 0.60 -7.15
CA ALA B 47 -3.46 -0.37 -7.88
C ALA B 47 -2.81 -0.77 -9.20
N ALA B 48 -2.21 0.19 -9.91
CA ALA B 48 -1.56 -0.12 -11.18
C ALA B 48 -0.35 -1.03 -10.98
N GLN B 49 0.52 -0.68 -10.03
CA GLN B 49 1.69 -1.52 -9.74
C GLN B 49 1.25 -2.91 -9.31
N PHE B 50 0.23 -2.98 -8.45
CA PHE B 50 -0.29 -4.27 -8.00
C PHE B 50 -0.80 -5.11 -9.17
N VAL B 51 -1.52 -4.47 -10.11
CA VAL B 51 -2.08 -5.21 -11.23
C VAL B 51 -0.97 -5.68 -12.17
N VAL B 52 0.07 -4.86 -12.36
CA VAL B 52 1.19 -5.26 -13.19
C VAL B 52 1.93 -6.43 -12.56
N LEU B 53 2.13 -6.38 -11.24
CA LEU B 53 2.79 -7.49 -10.55
C LEU B 53 1.95 -8.76 -10.64
N CYS B 54 0.63 -8.64 -10.50
CA CYS B 54 -0.23 -9.81 -10.64
C CYS B 54 -0.16 -10.40 -12.04
N ALA B 55 -0.09 -9.54 -13.05
CA ALA B 55 0.07 -10.03 -14.42
C ALA B 55 1.40 -10.75 -14.59
N LEU B 56 2.47 -10.18 -14.04
CA LEU B 56 3.78 -10.83 -14.12
C LEU B 56 3.77 -12.18 -13.41
N ARG B 57 3.03 -12.27 -12.29
CA ARG B 57 2.97 -13.53 -11.56
C ARG B 57 2.17 -14.57 -12.33
N ASP B 58 1.09 -14.15 -12.98
CA ASP B 58 0.21 -15.10 -13.65
C ASP B 58 0.78 -15.56 -14.98
N GLN B 59 1.49 -14.69 -15.70
CA GLN B 59 1.99 -15.04 -17.02
C GLN B 59 3.49 -15.27 -17.08
N GLY B 60 4.23 -15.00 -16.02
CA GLY B 60 5.66 -15.24 -16.05
C GLY B 60 6.41 -14.08 -16.66
N ALA B 61 7.32 -14.39 -17.58
CA ALA B 61 8.07 -13.36 -18.28
C ALA B 61 7.20 -12.72 -19.35
N CYS B 62 7.08 -11.40 -19.30
CA CYS B 62 6.21 -10.65 -20.18
C CYS B 62 6.99 -9.52 -20.85
N SER B 63 6.58 -9.17 -22.06
CA SER B 63 7.05 -7.97 -22.72
C SER B 63 6.03 -6.86 -22.52
N LEU B 64 6.44 -5.63 -22.82
CA LEU B 64 5.54 -4.49 -22.64
C LEU B 64 4.21 -4.75 -23.35
N VAL B 65 4.28 -5.39 -24.53
CA VAL B 65 3.06 -5.78 -25.24
C VAL B 65 2.26 -6.79 -24.43
N ASP B 66 2.95 -7.76 -23.81
CA ASP B 66 2.26 -8.74 -22.98
C ASP B 66 1.60 -8.07 -21.79
N VAL B 67 2.34 -7.16 -21.14
CA VAL B 67 1.80 -6.48 -19.97
C VAL B 67 0.59 -5.64 -20.35
N VAL B 68 0.65 -4.95 -21.50
CA VAL B 68 -0.50 -4.16 -21.95
C VAL B 68 -1.70 -5.06 -22.24
N LYS B 69 -1.49 -6.10 -23.06
CA LYS B 69 -2.60 -6.96 -23.46
C LYS B 69 -3.23 -7.68 -22.28
N ALA B 70 -2.47 -7.93 -21.21
CA ALA B 70 -3.02 -8.62 -20.05
C ALA B 70 -3.60 -7.67 -19.01
N THR B 71 -3.07 -6.45 -18.92
CA THR B 71 -3.42 -5.51 -17.85
C THR B 71 -4.33 -4.39 -18.29
N ALA B 72 -4.50 -4.17 -19.60
CA ALA B 72 -5.33 -3.09 -20.15
C ALA B 72 -4.91 -1.72 -19.64
N ILE B 73 -3.59 -1.48 -19.63
CA ILE B 73 -3.02 -0.18 -19.27
C ILE B 73 -2.06 0.24 -20.38
N ASP B 74 -2.12 1.54 -20.73
CA ASP B 74 -1.35 2.07 -21.85
C ASP B 74 0.16 1.92 -21.63
N GLN B 75 0.89 1.91 -22.76
CA GLN B 75 2.34 1.70 -22.74
C GLN B 75 3.06 2.67 -21.81
N ALA B 76 2.67 3.95 -21.83
CA ALA B 76 3.38 4.94 -21.01
C ALA B 76 3.18 4.68 -19.52
N THR B 77 1.94 4.46 -19.11
CA THR B 77 1.66 4.18 -17.70
C THR B 77 2.30 2.86 -17.26
N VAL B 78 2.29 1.87 -18.16
CA VAL B 78 2.93 0.59 -17.85
C VAL B 78 4.43 0.78 -17.67
N ARG B 79 5.06 1.59 -18.54
CA ARG B 79 6.49 1.87 -18.41
C ARG B 79 6.79 2.57 -17.10
N GLY B 80 5.96 3.54 -16.72
CA GLY B 80 6.16 4.22 -15.44
C GLY B 80 6.05 3.25 -14.27
N VAL B 81 5.05 2.38 -14.30
CA VAL B 81 4.87 1.39 -13.24
C VAL B 81 6.06 0.44 -13.18
N ILE B 82 6.52 -0.03 -14.34
CA ILE B 82 7.65 -0.94 -14.41
C ILE B 82 8.90 -0.29 -13.87
N GLU B 83 9.14 0.98 -14.23
CA GLU B 83 10.30 1.70 -13.72
C GLU B 83 10.23 1.84 -12.20
N ARG B 84 9.09 2.30 -11.68
CA ARG B 84 8.98 2.51 -10.24
C ARG B 84 9.09 1.19 -9.48
N LEU B 85 8.74 0.07 -10.11
CA LEU B 85 8.85 -1.21 -9.41
C LEU B 85 10.26 -1.79 -9.50
N LYS B 86 10.92 -1.65 -10.64
CA LYS B 86 12.32 -2.05 -10.75
C LYS B 86 13.19 -1.23 -9.81
N ALA B 87 12.83 0.03 -9.59
CA ALA B 87 13.52 0.82 -8.58
C ALA B 87 13.39 0.18 -7.21
N ARG B 88 12.25 -0.45 -6.95
CA ARG B 88 11.99 -1.14 -5.70
C ARG B 88 12.45 -2.60 -5.74
N LYS B 89 13.06 -3.03 -6.85
CA LYS B 89 13.60 -4.37 -7.02
C LYS B 89 12.52 -5.45 -6.84
N LEU B 90 11.30 -5.15 -7.25
CA LEU B 90 10.20 -6.10 -7.24
C LEU B 90 9.99 -6.77 -8.59
N LEU B 91 10.64 -6.29 -9.63
CA LEU B 91 10.70 -6.98 -10.90
C LEU B 91 12.06 -6.71 -11.54
N ALA B 92 12.38 -7.49 -12.57
CA ALA B 92 13.66 -7.41 -13.24
C ALA B 92 13.43 -7.21 -14.74
N VAL B 93 14.36 -6.52 -15.38
CA VAL B 93 14.28 -6.15 -16.80
C VAL B 93 15.50 -6.72 -17.50
N SER B 94 15.30 -7.77 -18.28
CA SER B 94 16.34 -8.43 -19.04
C SER B 94 16.25 -8.01 -20.50
N HIS B 95 17.41 -7.81 -21.13
CA HIS B 95 17.44 -7.37 -22.52
C HIS B 95 17.67 -8.56 -23.45
N ASP B 99 21.74 -7.58 -27.64
CA ASP B 99 21.09 -8.75 -27.07
C ASP B 99 19.64 -8.87 -27.56
N ARG B 100 19.46 -9.42 -28.76
CA ARG B 100 18.16 -9.65 -29.38
C ARG B 100 17.36 -8.37 -29.60
N ARG B 101 17.77 -7.26 -28.98
CA ARG B 101 17.12 -5.96 -29.13
C ARG B 101 15.67 -5.98 -28.67
N LYS B 102 15.31 -6.93 -27.80
CA LYS B 102 13.97 -6.95 -27.22
C LYS B 102 14.07 -6.82 -25.70
N VAL B 103 12.97 -6.40 -25.09
CA VAL B 103 12.86 -6.31 -23.63
C VAL B 103 12.10 -7.54 -23.11
N LEU B 104 12.41 -7.92 -21.87
CA LEU B 104 11.67 -8.98 -21.18
C LEU B 104 11.58 -8.64 -19.71
N VAL B 105 10.37 -8.49 -19.19
CA VAL B 105 10.14 -8.13 -17.79
C VAL B 105 9.70 -9.38 -17.02
N THR B 106 10.35 -9.62 -15.88
CA THR B 106 10.08 -10.78 -15.05
C THR B 106 9.89 -10.36 -13.61
N LEU B 107 9.35 -11.27 -12.80
CA LEU B 107 9.08 -11.01 -11.39
C LEU B 107 10.25 -11.47 -10.51
N THR B 108 10.49 -10.73 -9.42
CA THR B 108 11.50 -11.16 -8.46
C THR B 108 10.83 -11.79 -7.25
N PRO B 109 11.57 -12.59 -6.48
CA PRO B 109 10.99 -13.18 -5.26
C PRO B 109 10.38 -12.17 -4.30
N ASP B 110 11.03 -11.01 -4.11
CA ASP B 110 10.43 -9.98 -3.27
C ASP B 110 9.12 -9.50 -3.86
N GLY B 111 9.05 -9.40 -5.19
CA GLY B 111 7.80 -9.02 -5.82
C GLY B 111 6.71 -10.06 -5.63
N ARG B 112 7.05 -11.34 -5.80
CA ARG B 112 6.06 -12.39 -5.57
C ARG B 112 5.63 -12.43 -4.11
N ALA B 113 6.56 -12.16 -3.19
CA ALA B 113 6.20 -12.12 -1.77
C ALA B 113 5.24 -10.98 -1.48
N LEU B 114 5.49 -9.80 -2.06
CA LEU B 114 4.58 -8.68 -1.86
C LEU B 114 3.22 -8.96 -2.49
N VAL B 115 3.21 -9.58 -3.67
CA VAL B 115 1.95 -9.96 -4.31
C VAL B 115 1.17 -10.92 -3.42
N GLU B 116 1.83 -11.95 -2.90
CA GLU B 116 1.15 -12.92 -2.06
C GLU B 116 0.69 -12.30 -0.74
N GLU B 117 1.40 -11.29 -0.27
CA GLU B 117 0.98 -10.60 0.95
C GLU B 117 -0.25 -9.74 0.70
N MET B 118 -0.33 -9.12 -0.48
CA MET B 118 -1.40 -8.16 -0.74
C MET B 118 -2.64 -8.77 -1.40
N VAL B 119 -2.51 -9.93 -2.05
CA VAL B 119 -3.67 -10.56 -2.68
C VAL B 119 -4.84 -10.69 -1.71
N PRO B 120 -4.67 -11.13 -0.46
CA PRO B 120 -5.81 -11.13 0.46
C PRO B 120 -6.42 -9.75 0.64
N PHE B 121 -5.61 -8.69 0.57
CA PHE B 121 -6.15 -7.34 0.70
C PHE B 121 -6.94 -6.95 -0.55
N ALA B 122 -6.48 -7.39 -1.73
CA ALA B 122 -7.28 -7.16 -2.93
C ALA B 122 -8.61 -7.92 -2.86
N GLU B 123 -8.61 -9.09 -2.23
CA GLU B 123 -9.85 -9.83 -2.02
C GLU B 123 -10.78 -9.08 -1.08
N GLN B 124 -10.24 -8.56 0.02
CA GLN B 124 -11.02 -7.71 0.91
C GLN B 124 -11.56 -6.49 0.19
N ILE B 125 -10.76 -5.93 -0.73
CA ILE B 125 -11.19 -4.76 -1.48
C ILE B 125 -12.36 -5.10 -2.40
N THR B 126 -12.25 -6.21 -3.13
CA THR B 126 -13.36 -6.66 -3.97
C THR B 126 -14.63 -6.84 -3.16
N GLN B 127 -14.52 -7.46 -1.98
CA GLN B 127 -15.73 -7.73 -1.20
C GLN B 127 -16.31 -6.44 -0.63
N SER B 128 -15.46 -5.52 -0.18
CA SER B 128 -15.98 -4.25 0.33
C SER B 128 -16.58 -3.41 -0.80
N THR B 129 -16.00 -3.50 -2.01
CA THR B 129 -16.54 -2.79 -3.15
C THR B 129 -17.94 -3.28 -3.49
N PHE B 130 -18.15 -4.60 -3.47
CA PHE B 130 -19.50 -5.10 -3.73
C PHE B 130 -20.51 -4.53 -2.75
N GLY B 131 -20.08 -4.21 -1.54
CA GLY B 131 -20.95 -3.59 -0.56
C GLY B 131 -22.14 -4.48 -0.22
N GLY B 132 -23.33 -3.87 -0.24
CA GLY B 132 -24.54 -4.55 0.14
C GLY B 132 -25.25 -5.27 -0.98
N LEU B 133 -24.63 -5.46 -2.14
CA LEU B 133 -25.26 -6.20 -3.22
C LEU B 133 -25.38 -7.66 -2.81
N ASN B 134 -26.56 -8.25 -3.03
CA ASN B 134 -26.73 -9.67 -2.77
C ASN B 134 -26.06 -10.47 -3.89
N PRO B 135 -25.82 -11.77 -3.68
CA PRO B 135 -25.07 -12.55 -4.68
C PRO B 135 -25.58 -12.43 -6.12
N ALA B 136 -26.90 -12.44 -6.32
CA ALA B 136 -27.42 -12.29 -7.67
C ALA B 136 -27.00 -10.94 -8.26
N GLU B 137 -27.05 -9.89 -7.45
CA GLU B 137 -26.63 -8.57 -7.91
C GLU B 137 -25.14 -8.53 -8.22
N ARG B 138 -24.32 -9.29 -7.48
CA ARG B 138 -22.89 -9.33 -7.76
C ARG B 138 -22.60 -10.03 -9.08
N VAL B 139 -23.18 -11.22 -9.28
CA VAL B 139 -23.03 -11.91 -10.56
C VAL B 139 -23.49 -11.01 -11.70
N ALA B 140 -24.60 -10.32 -11.51
CA ALA B 140 -25.15 -9.46 -12.57
C ALA B 140 -24.23 -8.28 -12.85
N ILE B 141 -23.70 -7.63 -11.81
CA ILE B 141 -22.91 -6.42 -12.04
C ILE B 141 -21.59 -6.78 -12.73
N VAL B 142 -20.97 -7.90 -12.35
CA VAL B 142 -19.75 -8.27 -13.07
C VAL B 142 -20.07 -8.72 -14.48
N TYR B 143 -21.19 -9.43 -14.67
CA TYR B 143 -21.63 -9.82 -16.01
C TYR B 143 -21.79 -8.61 -16.92
N LEU B 144 -22.44 -7.56 -16.42
CA LEU B 144 -22.73 -6.39 -17.23
C LEU B 144 -21.49 -5.53 -17.46
N LEU B 145 -20.68 -5.35 -16.42
CA LEU B 145 -19.46 -4.56 -16.58
C LEU B 145 -18.49 -5.25 -17.53
N ARG B 146 -18.48 -6.58 -17.57
CA ARG B 146 -17.67 -7.28 -18.56
C ARG B 146 -18.30 -7.16 -19.94
N LYS B 147 -19.64 -7.18 -20.00
CA LYS B 147 -20.30 -7.05 -21.29
C LYS B 147 -20.00 -5.70 -21.93
N MET B 148 -19.93 -4.65 -21.13
CA MET B 148 -19.55 -3.32 -21.59
C MET B 148 -18.04 -3.15 -21.76
N SER B 149 -17.39 -4.13 -22.40
CA SER B 149 -15.92 -4.13 -22.55
C SER B 149 -15.23 -4.08 -21.20
N GLY C 13 -9.83 -19.53 -3.85
CA GLY C 13 -9.17 -19.96 -5.08
C GLY C 13 -8.13 -18.96 -5.57
N PRO C 14 -7.56 -19.24 -6.74
CA PRO C 14 -6.60 -18.29 -7.33
C PRO C 14 -7.23 -16.92 -7.55
N TYR C 15 -6.39 -15.90 -7.55
CA TYR C 15 -6.81 -14.51 -7.72
C TYR C 15 -6.35 -14.05 -9.10
N HIS C 16 -7.28 -14.04 -10.06
CA HIS C 16 -7.07 -13.38 -11.35
C HIS C 16 -7.74 -12.01 -11.26
N PHE C 17 -6.93 -10.95 -11.32
CA PHE C 17 -7.48 -9.60 -11.18
C PHE C 17 -8.45 -9.28 -12.31
N SER C 18 -8.23 -9.85 -13.50
CA SER C 18 -9.01 -9.50 -14.68
C SER C 18 -10.49 -9.79 -14.52
N GLU C 19 -10.87 -10.59 -13.52
CA GLU C 19 -12.27 -10.91 -13.28
C GLU C 19 -12.77 -10.34 -11.95
N GLN C 20 -12.05 -9.40 -11.36
CA GLN C 20 -12.52 -8.70 -10.18
C GLN C 20 -13.45 -7.56 -10.59
N VAL C 21 -14.31 -7.15 -9.67
CA VAL C 21 -15.28 -6.09 -9.97
C VAL C 21 -14.58 -4.78 -10.27
N GLY C 22 -13.41 -4.54 -9.65
CA GLY C 22 -12.72 -3.27 -9.85
C GLY C 22 -12.12 -3.14 -11.23
N HIS C 23 -11.59 -4.25 -11.78
CA HIS C 23 -11.06 -4.24 -13.13
C HIS C 23 -12.14 -3.86 -14.14
N LEU C 24 -13.31 -4.50 -14.02
CA LEU C 24 -14.44 -4.19 -14.88
C LEU C 24 -14.91 -2.76 -14.70
N LEU C 25 -15.00 -2.29 -13.45
CA LEU C 25 -15.34 -0.91 -13.19
C LEU C 25 -14.41 0.05 -13.92
N ARG C 26 -13.11 -0.14 -13.76
CA ARG C 26 -12.14 0.76 -14.39
C ARG C 26 -12.25 0.71 -15.91
N ARG C 27 -12.32 -0.49 -16.48
CA ARG C 27 -12.36 -0.61 -17.94
C ARG C 27 -13.61 0.03 -18.52
N ALA C 28 -14.77 -0.23 -17.90
CA ALA C 28 -16.01 0.38 -18.36
C ALA C 28 -15.95 1.90 -18.24
N TYR C 29 -15.43 2.40 -17.12
CA TYR C 29 -15.33 3.85 -16.94
C TYR C 29 -14.39 4.47 -17.98
N GLN C 30 -13.27 3.82 -18.27
CA GLN C 30 -12.32 4.33 -19.25
C GLN C 30 -12.94 4.38 -20.63
N ARG C 31 -13.63 3.31 -21.02
CA ARG C 31 -14.33 3.30 -22.30
C ARG C 31 -15.35 4.43 -22.38
N HIS C 32 -16.17 4.58 -21.33
CA HIS C 32 -17.17 5.63 -21.33
C HIS C 32 -16.54 7.02 -21.40
N VAL C 33 -15.39 7.21 -20.74
CA VAL C 33 -14.73 8.50 -20.78
C VAL C 33 -14.21 8.79 -22.19
N ALA C 34 -13.59 7.79 -22.82
CA ALA C 34 -13.17 7.95 -24.21
C ALA C 34 -14.35 8.30 -25.11
N ILE C 35 -15.51 7.70 -24.85
CA ILE C 35 -16.71 7.99 -25.65
C ILE C 35 -17.16 9.43 -25.41
N PHE C 36 -17.30 9.81 -24.14
CA PHE C 36 -17.71 11.16 -23.77
C PHE C 36 -16.80 12.21 -24.38
N GLN C 37 -15.51 11.90 -24.50
CA GLN C 37 -14.54 12.83 -25.05
C GLN C 37 -14.41 12.75 -26.56
N GLN C 38 -14.87 11.65 -27.17
CA GLN C 38 -14.87 11.53 -28.62
C GLN C 38 -16.15 12.03 -29.26
N THR C 39 -17.21 12.24 -28.49
CA THR C 39 -18.42 12.88 -29.01
C THR C 39 -18.54 14.34 -28.56
N ILE C 40 -18.26 14.63 -27.30
CA ILE C 40 -18.19 15.99 -26.79
C ILE C 40 -16.70 16.36 -26.70
N PRO C 41 -16.24 17.39 -27.40
CA PRO C 41 -14.82 17.75 -27.33
C PRO C 41 -14.46 18.27 -25.94
N ASP C 42 -13.38 17.71 -25.38
CA ASP C 42 -12.85 18.13 -24.08
C ASP C 42 -12.66 19.65 -23.98
N SER C 43 -12.64 20.34 -25.13
CA SER C 43 -12.41 21.79 -25.12
C SER C 43 -13.65 22.54 -24.65
N LYS C 44 -14.79 22.32 -25.31
CA LYS C 44 -16.00 23.08 -25.00
C LYS C 44 -16.40 22.92 -23.53
N LEU C 45 -16.64 21.70 -23.10
CA LEU C 45 -17.02 21.42 -21.72
C LEU C 45 -16.44 20.07 -21.31
N THR C 46 -16.02 19.97 -20.06
CA THR C 46 -15.65 18.68 -19.48
C THR C 46 -16.85 18.12 -18.72
N ALA C 47 -16.94 16.79 -18.67
CA ALA C 47 -18.04 16.14 -17.98
C ALA C 47 -18.25 16.70 -16.58
N ALA C 48 -17.16 17.09 -15.91
CA ALA C 48 -17.27 17.80 -14.64
C ALA C 48 -17.97 19.15 -14.82
N GLN C 49 -17.44 19.97 -15.73
CA GLN C 49 -18.06 21.26 -16.04
C GLN C 49 -19.50 21.08 -16.47
N PHE C 50 -19.74 20.14 -17.39
CA PHE C 50 -21.09 19.90 -17.90
C PHE C 50 -22.05 19.50 -16.78
N VAL C 51 -21.61 18.61 -15.90
CA VAL C 51 -22.49 18.12 -14.84
C VAL C 51 -22.74 19.22 -13.81
N VAL C 52 -21.75 20.08 -13.53
CA VAL C 52 -21.98 21.16 -12.58
C VAL C 52 -22.94 22.19 -13.16
N LEU C 53 -22.81 22.51 -14.46
CA LEU C 53 -23.77 23.41 -15.09
C LEU C 53 -25.18 22.80 -15.09
N CYS C 54 -25.27 21.50 -15.37
CA CYS C 54 -26.56 20.82 -15.27
C CYS C 54 -27.13 20.89 -13.86
N ALA C 55 -26.27 20.80 -12.84
CA ALA C 55 -26.73 20.89 -11.46
C ALA C 55 -27.29 22.27 -11.16
N LEU C 56 -26.57 23.33 -11.61
CA LEU C 56 -27.08 24.68 -11.41
C LEU C 56 -28.38 24.92 -12.15
N ARG C 57 -28.58 24.24 -13.29
CA ARG C 57 -29.86 24.34 -13.99
C ARG C 57 -30.96 23.57 -13.27
N ASP C 58 -30.62 22.41 -12.71
CA ASP C 58 -31.62 21.51 -12.13
C ASP C 58 -32.11 21.99 -10.77
N GLN C 59 -31.23 22.56 -9.95
CA GLN C 59 -31.59 22.91 -8.59
C GLN C 59 -31.62 24.41 -8.31
N GLY C 60 -30.95 25.22 -9.10
CA GLY C 60 -30.98 26.67 -8.91
C GLY C 60 -29.79 27.16 -8.12
N ALA C 61 -30.05 28.03 -7.16
CA ALA C 61 -28.98 28.58 -6.33
C ALA C 61 -28.37 27.48 -5.46
N CYS C 62 -27.07 27.23 -5.63
CA CYS C 62 -26.40 26.13 -4.97
C CYS C 62 -25.20 26.63 -4.20
N SER C 63 -24.94 26.00 -3.06
CA SER C 63 -23.69 26.17 -2.33
C SER C 63 -22.70 25.09 -2.76
N LEU C 64 -21.41 25.38 -2.60
CA LEU C 64 -20.38 24.40 -2.94
C LEU C 64 -20.68 23.05 -2.31
N VAL C 65 -21.22 23.05 -1.08
CA VAL C 65 -21.69 21.82 -0.46
C VAL C 65 -22.80 21.19 -1.29
N ASP C 66 -23.78 22.00 -1.73
CA ASP C 66 -24.85 21.48 -2.57
C ASP C 66 -24.30 20.95 -3.89
N VAL C 67 -23.40 21.72 -4.51
CA VAL C 67 -22.77 21.27 -5.75
C VAL C 67 -22.16 19.90 -5.57
N VAL C 68 -21.39 19.70 -4.49
CA VAL C 68 -20.78 18.39 -4.23
C VAL C 68 -21.84 17.32 -4.02
N LYS C 69 -22.72 17.53 -3.03
CA LYS C 69 -23.71 16.52 -2.65
C LYS C 69 -24.64 16.15 -3.79
N ALA C 70 -24.73 16.98 -4.83
CA ALA C 70 -25.50 16.63 -6.01
C ALA C 70 -24.66 16.09 -7.17
N THR C 71 -23.36 16.44 -7.22
CA THR C 71 -22.50 16.08 -8.35
C THR C 71 -21.51 14.96 -8.02
N ALA C 72 -21.33 14.64 -6.74
CA ALA C 72 -20.38 13.61 -6.31
C ALA C 72 -18.97 13.90 -6.85
N ILE C 73 -18.51 15.12 -6.61
CA ILE C 73 -17.15 15.53 -6.95
C ILE C 73 -16.58 16.26 -5.74
N ASP C 74 -15.33 15.97 -5.41
CA ASP C 74 -14.74 16.52 -4.18
C ASP C 74 -14.66 18.04 -4.26
N GLN C 75 -14.44 18.66 -3.09
CA GLN C 75 -14.50 20.11 -2.98
C GLN C 75 -13.46 20.80 -3.86
N ALA C 76 -12.24 20.25 -3.91
CA ALA C 76 -11.17 20.90 -4.66
C ALA C 76 -11.50 20.99 -6.15
N THR C 77 -11.87 19.85 -6.75
CA THR C 77 -12.19 19.84 -8.18
C THR C 77 -13.42 20.69 -8.47
N VAL C 78 -14.43 20.62 -7.59
CA VAL C 78 -15.64 21.43 -7.77
C VAL C 78 -15.29 22.92 -7.79
N ARG C 79 -14.48 23.36 -6.82
CA ARG C 79 -14.12 24.78 -6.75
C ARG C 79 -13.29 25.20 -7.95
N GLY C 80 -12.36 24.34 -8.39
CA GLY C 80 -11.58 24.66 -9.57
C GLY C 80 -12.44 24.83 -10.81
N VAL C 81 -13.36 23.89 -11.04
CA VAL C 81 -14.27 23.99 -12.18
C VAL C 81 -15.17 25.22 -12.04
N ILE C 82 -15.58 25.54 -10.81
CA ILE C 82 -16.42 26.72 -10.58
C ILE C 82 -15.70 27.99 -11.02
N GLU C 83 -14.43 28.12 -10.62
CA GLU C 83 -13.65 29.29 -11.04
C GLU C 83 -13.48 29.32 -12.55
N ARG C 84 -13.04 28.19 -13.14
CA ARG C 84 -12.80 28.14 -14.57
C ARG C 84 -14.06 28.27 -15.42
N LEU C 85 -15.25 28.15 -14.81
CA LEU C 85 -16.50 28.41 -15.51
C LEU C 85 -17.05 29.81 -15.25
N LYS C 86 -16.72 30.41 -14.10
CA LYS C 86 -17.01 31.82 -13.93
C LYS C 86 -16.16 32.68 -14.86
N ALA C 87 -14.92 32.24 -15.15
CA ALA C 87 -14.08 32.96 -16.08
C ALA C 87 -14.61 32.92 -17.51
N ARG C 88 -15.51 31.98 -17.82
CA ARG C 88 -16.18 31.93 -19.11
C ARG C 88 -17.57 32.55 -19.05
N LYS C 89 -17.86 33.31 -17.99
CA LYS C 89 -19.18 33.90 -17.75
C LYS C 89 -20.29 32.85 -17.70
N LEU C 90 -19.94 31.62 -17.37
CA LEU C 90 -20.91 30.52 -17.39
C LEU C 90 -21.61 30.32 -16.05
N LEU C 91 -21.04 30.78 -14.95
CA LEU C 91 -21.71 30.77 -13.66
C LEU C 91 -21.49 32.12 -12.97
N ALA C 92 -22.25 32.35 -11.91
CA ALA C 92 -22.19 33.61 -11.18
C ALA C 92 -22.03 33.32 -9.70
N VAL C 93 -21.16 34.10 -9.05
CA VAL C 93 -20.81 33.90 -7.65
C VAL C 93 -21.48 35.01 -6.84
N SER C 94 -22.45 34.62 -6.01
CA SER C 94 -23.15 35.50 -5.10
C SER C 94 -22.85 35.07 -3.66
N HIS C 95 -23.66 35.54 -2.72
CA HIS C 95 -23.48 35.22 -1.30
C HIS C 95 -24.84 34.93 -0.69
N ASP C 96 -24.95 33.78 -0.01
CA ASP C 96 -26.20 33.33 0.58
C ASP C 96 -26.73 34.34 1.57
N PRO C 97 -27.86 35.01 1.28
CA PRO C 97 -28.33 36.12 2.12
C PRO C 97 -28.74 35.73 3.54
N ALA C 98 -28.66 34.43 3.87
CA ALA C 98 -28.93 33.98 5.23
C ALA C 98 -27.67 34.05 6.10
N ASP C 99 -26.52 33.69 5.54
CA ASP C 99 -25.20 33.94 6.13
C ASP C 99 -24.34 34.46 4.99
N ARG C 100 -24.47 35.77 4.71
CA ARG C 100 -23.81 36.38 3.56
C ARG C 100 -22.32 36.12 3.53
N ARG C 101 -21.73 35.68 4.65
CA ARG C 101 -20.35 35.23 4.66
C ARG C 101 -20.12 34.02 3.76
N LYS C 102 -21.18 33.32 3.36
CA LYS C 102 -21.04 32.18 2.47
C LYS C 102 -21.13 32.65 1.01
N VAL C 103 -21.01 31.68 0.10
CA VAL C 103 -20.95 31.94 -1.34
C VAL C 103 -21.93 31.02 -2.05
N LEU C 104 -22.66 31.56 -3.03
CA LEU C 104 -23.61 30.78 -3.80
C LEU C 104 -23.23 30.82 -5.28
N VAL C 105 -23.66 29.79 -6.01
CA VAL C 105 -23.37 29.65 -7.43
C VAL C 105 -24.69 29.61 -8.18
N THR C 106 -24.85 30.50 -9.16
CA THR C 106 -26.05 30.55 -9.98
C THR C 106 -25.69 30.36 -11.45
N LEU C 107 -26.70 29.98 -12.23
CA LEU C 107 -26.54 29.73 -13.65
C LEU C 107 -26.84 30.99 -14.45
N THR C 108 -26.11 31.15 -15.56
CA THR C 108 -26.23 32.30 -16.43
C THR C 108 -26.85 31.89 -17.76
N PRO C 109 -27.46 32.84 -18.49
CA PRO C 109 -28.08 32.47 -19.77
C PRO C 109 -27.14 31.79 -20.75
N ASP C 110 -25.87 32.22 -20.78
CA ASP C 110 -24.88 31.52 -21.60
C ASP C 110 -24.71 30.08 -21.14
N GLY C 111 -24.68 29.86 -19.83
CA GLY C 111 -24.54 28.50 -19.32
C GLY C 111 -25.75 27.63 -19.62
N ARG C 112 -26.96 28.18 -19.48
CA ARG C 112 -28.16 27.46 -19.84
C ARG C 112 -28.16 27.11 -21.33
N ALA C 113 -27.75 28.06 -22.17
CA ALA C 113 -27.68 27.80 -23.60
C ALA C 113 -26.66 26.70 -23.92
N LEU C 114 -25.52 26.71 -23.23
CA LEU C 114 -24.50 25.69 -23.48
C LEU C 114 -24.96 24.32 -23.00
N VAL C 115 -25.62 24.27 -21.84
CA VAL C 115 -26.23 23.03 -21.37
C VAL C 115 -27.23 22.51 -22.40
N GLU C 116 -28.04 23.40 -22.98
CA GLU C 116 -29.03 22.97 -23.97
C GLU C 116 -28.35 22.49 -25.26
N GLU C 117 -27.26 23.15 -25.66
CA GLU C 117 -26.51 22.71 -26.82
C GLU C 117 -25.91 21.33 -26.61
N MET C 118 -25.52 21.02 -25.37
CA MET C 118 -24.78 19.78 -25.10
C MET C 118 -25.66 18.61 -24.64
N VAL C 119 -26.88 18.87 -24.17
CA VAL C 119 -27.70 17.78 -23.61
C VAL C 119 -27.95 16.65 -24.61
N PRO C 120 -28.40 16.89 -25.84
CA PRO C 120 -28.58 15.77 -26.77
C PRO C 120 -27.28 15.02 -27.05
N PHE C 121 -26.15 15.73 -27.06
CA PHE C 121 -24.86 15.06 -27.14
C PHE C 121 -24.66 14.10 -25.98
N ALA C 122 -25.07 14.51 -24.77
CA ALA C 122 -24.92 13.63 -23.61
C ALA C 122 -25.87 12.45 -23.68
N GLU C 123 -27.08 12.65 -24.20
CA GLU C 123 -27.99 11.52 -24.41
C GLU C 123 -27.40 10.51 -25.39
N GLN C 124 -26.84 11.02 -26.50
CA GLN C 124 -26.15 10.16 -27.44
C GLN C 124 -24.96 9.46 -26.78
N ILE C 125 -24.27 10.16 -25.89
CA ILE C 125 -23.17 9.57 -25.14
C ILE C 125 -23.65 8.39 -24.32
N THR C 126 -24.74 8.58 -23.58
CA THR C 126 -25.29 7.50 -22.76
C THR C 126 -25.69 6.31 -23.62
N GLN C 127 -26.40 6.59 -24.73
CA GLN C 127 -26.90 5.50 -25.56
C GLN C 127 -25.77 4.74 -26.24
N SER C 128 -24.66 5.43 -26.56
CA SER C 128 -23.48 4.73 -27.04
C SER C 128 -22.80 3.94 -25.93
N THR C 129 -22.78 4.50 -24.72
CA THR C 129 -22.11 3.86 -23.59
C THR C 129 -22.80 2.56 -23.19
N PHE C 130 -24.11 2.47 -23.41
CA PHE C 130 -24.80 1.19 -23.25
C PHE C 130 -24.33 0.22 -24.34
N GLY C 131 -25.12 0.03 -25.39
CA GLY C 131 -24.68 -0.75 -26.53
C GLY C 131 -25.49 -2.01 -26.77
N GLY C 132 -24.79 -3.15 -26.85
CA GLY C 132 -25.45 -4.44 -26.99
C GLY C 132 -26.35 -4.80 -25.84
N LEU C 133 -26.33 -4.02 -24.75
CA LEU C 133 -27.28 -4.20 -23.67
C LEU C 133 -28.72 -4.06 -24.18
N ASN C 134 -29.59 -4.91 -23.67
CA ASN C 134 -31.03 -4.79 -23.93
C ASN C 134 -31.68 -3.95 -22.85
N PRO C 135 -32.92 -3.49 -23.07
CA PRO C 135 -33.57 -2.64 -22.05
C PRO C 135 -33.42 -3.14 -20.62
N ALA C 136 -33.70 -4.42 -20.38
CA ALA C 136 -33.59 -4.98 -19.04
C ALA C 136 -32.16 -4.90 -18.53
N GLU C 137 -31.18 -5.24 -19.38
CA GLU C 137 -29.77 -5.14 -18.99
C GLU C 137 -29.40 -3.72 -18.60
N ARG C 138 -30.01 -2.72 -19.25
CA ARG C 138 -29.71 -1.33 -18.94
C ARG C 138 -30.33 -0.92 -17.61
N VAL C 139 -31.61 -1.25 -17.39
CA VAL C 139 -32.21 -1.03 -16.08
C VAL C 139 -31.36 -1.68 -15.00
N ALA C 140 -30.88 -2.90 -15.26
CA ALA C 140 -30.08 -3.61 -14.27
C ALA C 140 -28.76 -2.90 -14.01
N ILE C 141 -28.07 -2.44 -15.07
CA ILE C 141 -26.76 -1.82 -14.86
C ILE C 141 -26.91 -0.52 -14.08
N VAL C 142 -27.93 0.29 -14.39
CA VAL C 142 -28.07 1.54 -13.64
C VAL C 142 -28.50 1.26 -12.20
N TYR C 143 -29.42 0.31 -12.00
CA TYR C 143 -29.83 -0.04 -10.63
C TYR C 143 -28.65 -0.54 -9.82
N LEU C 144 -27.79 -1.37 -10.43
CA LEU C 144 -26.69 -1.98 -9.69
C LEU C 144 -25.58 -0.97 -9.40
N LEU C 145 -25.24 -0.13 -10.39
CA LEU C 145 -24.25 0.91 -10.14
C LEU C 145 -24.73 1.88 -9.05
N ARG C 146 -26.01 2.30 -9.13
CA ARG C 146 -26.54 3.20 -8.11
C ARG C 146 -26.57 2.54 -6.74
N LYS C 147 -27.01 1.27 -6.67
CA LYS C 147 -27.06 0.56 -5.40
C LYS C 147 -25.67 0.43 -4.80
N MET C 148 -24.73 -0.15 -5.55
CA MET C 148 -23.34 -0.25 -5.12
C MET C 148 -22.83 1.09 -4.57
N SER C 149 -22.84 2.13 -5.41
CA SER C 149 -22.29 3.41 -5.00
C SER C 149 -23.02 3.99 -3.79
N ASP C 150 -24.33 3.77 -3.69
CA ASP C 150 -25.12 4.31 -2.58
C ASP C 150 -25.05 3.38 -1.37
N ALA C 151 -23.82 3.19 -0.88
CA ALA C 151 -23.56 2.30 0.25
C ALA C 151 -22.81 3.06 1.32
N ASP C 152 -23.47 3.34 2.44
CA ASP C 152 -22.84 3.97 3.58
C ASP C 152 -22.86 3.03 4.79
N GLY D 13 43.98 7.09 -8.14
CA GLY D 13 43.82 8.35 -7.43
C GLY D 13 42.50 8.41 -6.68
N PRO D 14 42.40 9.37 -5.74
CA PRO D 14 41.14 9.52 -5.00
C PRO D 14 39.97 9.78 -5.94
N TYR D 15 38.81 9.27 -5.55
CA TYR D 15 37.60 9.45 -6.34
C TYR D 15 36.83 10.67 -5.84
N HIS D 16 36.62 11.64 -6.74
CA HIS D 16 35.72 12.76 -6.47
C HIS D 16 34.63 12.68 -7.53
N PHE D 17 33.42 12.33 -7.10
CA PHE D 17 32.30 12.29 -8.04
C PHE D 17 32.01 13.67 -8.59
N SER D 18 32.27 14.71 -7.78
CA SER D 18 31.95 16.08 -8.16
C SER D 18 32.71 16.53 -9.41
N GLU D 19 33.84 15.90 -9.74
CA GLU D 19 34.63 16.29 -10.90
C GLU D 19 34.68 15.21 -11.96
N GLN D 20 33.76 14.25 -11.93
CA GLN D 20 33.68 13.23 -12.96
C GLN D 20 32.71 13.69 -14.04
N VAL D 21 33.01 13.30 -15.28
CA VAL D 21 32.28 13.80 -16.44
C VAL D 21 30.81 13.43 -16.37
N GLY D 22 30.47 12.34 -15.69
CA GLY D 22 29.06 11.96 -15.60
C GLY D 22 28.27 12.90 -14.70
N HIS D 23 28.85 13.30 -13.58
CA HIS D 23 28.20 14.26 -12.69
C HIS D 23 27.98 15.59 -13.40
N LEU D 24 28.99 16.05 -14.14
CA LEU D 24 28.88 17.31 -14.86
C LEU D 24 27.85 17.23 -15.99
N LEU D 25 27.84 16.12 -16.73
CA LEU D 25 26.81 15.94 -17.76
C LEU D 25 25.41 15.95 -17.15
N ARG D 26 25.24 15.22 -16.04
CA ARG D 26 23.93 15.21 -15.39
C ARG D 26 23.51 16.60 -14.98
N ARG D 27 24.43 17.36 -14.36
CA ARG D 27 24.10 18.68 -13.88
C ARG D 27 23.76 19.62 -15.03
N ALA D 28 24.55 19.58 -16.10
CA ALA D 28 24.30 20.45 -17.26
C ALA D 28 22.97 20.11 -17.92
N TYR D 29 22.71 18.81 -18.12
CA TYR D 29 21.46 18.40 -18.74
C TYR D 29 20.26 18.78 -17.89
N GLN D 30 20.36 18.61 -16.57
CA GLN D 30 19.25 18.96 -15.69
C GLN D 30 19.00 20.46 -15.69
N ARG D 31 20.07 21.27 -15.69
CA ARG D 31 19.89 22.71 -15.75
C ARG D 31 19.25 23.11 -17.07
N HIS D 32 19.70 22.53 -18.19
CA HIS D 32 19.09 22.85 -19.47
C HIS D 32 17.63 22.41 -19.53
N VAL D 33 17.30 21.28 -18.90
CA VAL D 33 15.92 20.83 -18.87
C VAL D 33 15.08 21.77 -18.02
N ALA D 34 15.62 22.27 -16.92
CA ALA D 34 14.91 23.27 -16.13
C ALA D 34 14.67 24.54 -16.94
N ILE D 35 15.65 24.93 -17.75
CA ILE D 35 15.49 26.11 -18.61
C ILE D 35 14.39 25.87 -19.64
N PHE D 36 14.46 24.72 -20.32
CA PHE D 36 13.46 24.35 -21.32
C PHE D 36 12.06 24.37 -20.74
N GLN D 37 11.90 23.82 -19.53
CA GLN D 37 10.58 23.77 -18.89
C GLN D 37 10.16 25.14 -18.36
N GLN D 38 11.12 25.99 -18.04
CA GLN D 38 10.81 27.34 -17.56
C GLN D 38 10.42 28.27 -18.70
N THR D 39 10.82 27.96 -19.93
CA THR D 39 10.42 28.78 -21.08
C THR D 39 9.28 28.17 -21.88
N ILE D 40 9.27 26.85 -22.08
CA ILE D 40 8.18 26.17 -22.76
C ILE D 40 7.44 25.32 -21.72
N PRO D 41 6.22 25.69 -21.34
CA PRO D 41 5.51 24.95 -20.29
C PRO D 41 5.10 23.55 -20.75
N ASP D 42 5.24 22.58 -19.83
CA ASP D 42 4.81 21.20 -20.11
C ASP D 42 3.37 21.11 -20.59
N SER D 43 2.54 22.09 -20.21
CA SER D 43 1.13 22.04 -20.61
C SER D 43 1.00 22.05 -22.13
N LYS D 44 1.81 22.88 -22.81
CA LYS D 44 1.77 22.95 -24.26
C LYS D 44 2.54 21.80 -24.91
N LEU D 45 3.82 21.68 -24.60
CA LEU D 45 4.68 20.70 -25.23
C LEU D 45 5.79 20.26 -24.28
N THR D 46 6.12 18.98 -24.31
CA THR D 46 7.34 18.51 -23.69
C THR D 46 8.45 18.52 -24.72
N ALA D 47 9.70 18.54 -24.24
CA ALA D 47 10.85 18.52 -25.14
C ALA D 47 10.76 17.37 -26.13
N ALA D 48 10.33 16.20 -25.67
CA ALA D 48 10.22 15.05 -26.57
C ALA D 48 9.18 15.29 -27.65
N GLN D 49 7.99 15.76 -27.26
CA GLN D 49 6.94 16.04 -28.24
C GLN D 49 7.40 17.09 -29.24
N PHE D 50 8.04 18.16 -28.74
CA PHE D 50 8.54 19.21 -29.61
C PHE D 50 9.57 18.68 -30.61
N VAL D 51 10.47 17.82 -30.16
CA VAL D 51 11.51 17.31 -31.04
C VAL D 51 10.91 16.36 -32.09
N VAL D 52 9.92 15.56 -31.70
CA VAL D 52 9.28 14.67 -32.66
C VAL D 52 8.52 15.50 -33.72
N LEU D 53 7.84 16.55 -33.29
CA LEU D 53 7.13 17.40 -34.24
C LEU D 53 8.12 18.10 -35.18
N CYS D 54 9.25 18.56 -34.64
CA CYS D 54 10.27 19.17 -35.50
C CYS D 54 10.80 18.18 -36.51
N ALA D 55 10.96 16.92 -36.10
CA ALA D 55 11.39 15.88 -37.03
C ALA D 55 10.36 15.68 -38.14
N LEU D 56 9.08 15.66 -37.78
CA LEU D 56 8.02 15.52 -38.79
C LEU D 56 8.04 16.69 -39.77
N ARG D 57 8.32 17.89 -39.27
CA ARG D 57 8.37 19.06 -40.13
C ARG D 57 9.59 19.04 -41.04
N ASP D 58 10.73 18.58 -40.52
CA ASP D 58 11.98 18.63 -41.27
C ASP D 58 12.07 17.51 -42.30
N GLN D 59 11.52 16.33 -41.99
CA GLN D 59 11.65 15.16 -42.85
C GLN D 59 10.37 14.79 -43.58
N GLY D 60 9.26 15.45 -43.31
CA GLY D 60 8.03 15.14 -44.03
C GLY D 60 7.29 13.98 -43.38
N ALA D 61 6.84 13.05 -44.20
CA ALA D 61 6.19 11.84 -43.69
C ALA D 61 7.25 10.86 -43.23
N CYS D 62 7.14 10.39 -41.99
CA CYS D 62 8.15 9.54 -41.40
C CYS D 62 7.53 8.28 -40.82
N SER D 63 8.31 7.20 -40.84
CA SER D 63 8.00 5.97 -40.13
C SER D 63 8.75 5.95 -38.81
N LEU D 64 8.35 5.01 -37.95
CA LEU D 64 8.95 4.93 -36.61
C LEU D 64 10.48 4.89 -36.67
N VAL D 65 11.04 4.18 -37.65
CA VAL D 65 12.50 4.14 -37.80
C VAL D 65 13.05 5.52 -38.13
N ASP D 66 12.39 6.24 -39.04
CA ASP D 66 12.86 7.58 -39.40
C ASP D 66 12.79 8.53 -38.21
N VAL D 67 11.68 8.51 -37.48
CA VAL D 67 11.52 9.38 -36.31
C VAL D 67 12.56 9.02 -35.26
N VAL D 68 12.85 7.74 -35.08
CA VAL D 68 13.88 7.33 -34.12
C VAL D 68 15.24 7.87 -34.55
N LYS D 69 15.65 7.60 -35.79
CA LYS D 69 16.98 7.99 -36.24
C LYS D 69 17.15 9.50 -36.25
N ALA D 70 16.07 10.25 -36.42
CA ALA D 70 16.16 11.71 -36.44
C ALA D 70 16.01 12.32 -35.05
N THR D 71 15.34 11.63 -34.14
CA THR D 71 14.93 12.17 -32.85
C THR D 71 15.81 11.70 -31.70
N ALA D 72 16.58 10.64 -31.89
CA ALA D 72 17.45 10.09 -30.85
C ALA D 72 16.68 9.80 -29.57
N ILE D 73 15.49 9.22 -29.73
CA ILE D 73 14.67 8.76 -28.62
C ILE D 73 14.34 7.30 -28.89
N ASP D 74 14.40 6.47 -27.86
CA ASP D 74 14.21 5.04 -28.07
C ASP D 74 12.83 4.80 -28.67
N GLN D 75 12.74 3.74 -29.50
CA GLN D 75 11.54 3.49 -30.28
C GLN D 75 10.28 3.40 -29.43
N ALA D 76 10.37 2.76 -28.27
CA ALA D 76 9.19 2.63 -27.40
C ALA D 76 8.73 3.99 -26.90
N THR D 77 9.67 4.81 -26.44
CA THR D 77 9.32 6.15 -25.99
C THR D 77 8.80 6.99 -27.14
N VAL D 78 9.32 6.77 -28.36
CA VAL D 78 8.78 7.45 -29.53
C VAL D 78 7.33 7.07 -29.75
N ARG D 79 7.01 5.78 -29.60
CA ARG D 79 5.62 5.35 -29.73
C ARG D 79 4.73 6.02 -28.68
N GLY D 80 5.21 6.12 -27.45
CA GLY D 80 4.44 6.80 -26.42
C GLY D 80 4.19 8.25 -26.74
N VAL D 81 5.24 8.96 -27.18
CA VAL D 81 5.11 10.37 -27.54
C VAL D 81 4.16 10.53 -28.73
N ILE D 82 4.29 9.66 -29.72
CA ILE D 82 3.44 9.73 -30.91
C ILE D 82 1.97 9.53 -30.53
N GLU D 83 1.70 8.59 -29.63
CA GLU D 83 0.33 8.40 -29.15
C GLU D 83 -0.17 9.65 -28.43
N ARG D 84 0.65 10.18 -27.52
CA ARG D 84 0.23 11.35 -26.75
C ARG D 84 -0.01 12.56 -27.65
N LEU D 85 0.64 12.60 -28.82
CA LEU D 85 0.45 13.70 -29.75
C LEU D 85 -0.74 13.48 -30.67
N LYS D 86 -0.94 12.25 -31.16
CA LYS D 86 -2.11 11.95 -31.96
C LYS D 86 -3.39 12.14 -31.16
N ALA D 87 -3.36 11.84 -29.86
CA ALA D 87 -4.51 12.15 -29.01
C ALA D 87 -4.79 13.65 -28.98
N ARG D 88 -3.75 14.47 -29.08
CA ARG D 88 -3.89 15.93 -29.05
C ARG D 88 -4.14 16.52 -30.43
N LYS D 89 -4.29 15.70 -31.46
CA LYS D 89 -4.51 16.16 -32.84
C LYS D 89 -3.37 17.04 -33.34
N LEU D 90 -2.14 16.76 -32.89
CA LEU D 90 -0.97 17.46 -33.39
C LEU D 90 -0.21 16.69 -34.46
N LEU D 91 -0.52 15.40 -34.65
CA LEU D 91 -0.03 14.64 -35.78
C LEU D 91 -1.06 13.60 -36.17
N ALA D 92 -0.87 12.99 -37.34
CA ALA D 92 -1.79 12.01 -37.87
C ALA D 92 -1.05 10.73 -38.19
N VAL D 93 -1.75 9.59 -38.07
CA VAL D 93 -1.17 8.28 -38.27
C VAL D 93 -1.94 7.61 -39.40
N SER D 94 -1.35 7.64 -40.59
CA SER D 94 -1.86 7.01 -41.80
C SER D 94 -0.99 5.79 -42.07
N HIS D 95 -1.60 4.71 -42.54
CA HIS D 95 -0.85 3.49 -42.79
C HIS D 95 -0.39 3.48 -44.24
N ASP D 96 0.91 3.24 -44.43
CA ASP D 96 1.45 3.14 -45.77
C ASP D 96 0.67 2.10 -46.58
N PRO D 97 0.38 2.37 -47.86
CA PRO D 97 -0.22 1.34 -48.71
C PRO D 97 0.81 0.41 -49.33
N ALA D 98 2.08 0.55 -48.99
CA ALA D 98 3.13 -0.36 -49.44
C ALA D 98 3.55 -1.33 -48.34
N ASP D 99 2.80 -1.38 -47.23
CA ASP D 99 3.07 -2.30 -46.13
C ASP D 99 1.92 -2.23 -45.13
N ARG D 100 1.77 -3.30 -44.36
CA ARG D 100 0.79 -3.35 -43.28
C ARG D 100 1.48 -3.31 -41.91
N ARG D 101 2.80 -3.49 -41.91
CA ARG D 101 3.58 -3.42 -40.68
C ARG D 101 4.39 -2.14 -40.70
N LYS D 102 3.92 -1.16 -41.47
CA LYS D 102 4.54 0.15 -41.57
C LYS D 102 3.54 1.21 -41.11
N VAL D 103 3.95 2.00 -40.15
CA VAL D 103 3.19 3.17 -39.70
C VAL D 103 3.69 4.35 -40.52
N LEU D 104 2.84 5.35 -40.70
CA LEU D 104 3.28 6.59 -41.36
C LEU D 104 2.68 7.77 -40.62
N VAL D 105 3.54 8.58 -40.02
CA VAL D 105 3.12 9.72 -39.22
C VAL D 105 3.38 11.00 -40.00
N THR D 106 2.38 11.88 -40.03
CA THR D 106 2.49 13.14 -40.74
C THR D 106 2.10 14.27 -39.80
N LEU D 107 2.44 15.49 -40.20
CA LEU D 107 2.21 16.67 -39.40
C LEU D 107 0.84 17.26 -39.73
N THR D 108 0.19 17.80 -38.72
CA THR D 108 -1.08 18.47 -38.91
C THR D 108 -0.87 19.97 -38.93
N PRO D 109 -1.83 20.73 -39.48
CA PRO D 109 -1.68 22.20 -39.46
C PRO D 109 -1.48 22.76 -38.06
N ASP D 110 -2.23 22.25 -37.07
CA ASP D 110 -2.02 22.68 -35.69
C ASP D 110 -0.63 22.29 -35.19
N GLY D 111 -0.14 21.12 -35.63
CA GLY D 111 1.19 20.71 -35.23
C GLY D 111 2.27 21.61 -35.79
N ARG D 112 2.17 21.94 -37.10
CA ARG D 112 3.14 22.85 -37.69
C ARG D 112 3.04 24.25 -37.08
N ALA D 113 1.83 24.68 -36.74
CA ALA D 113 1.66 25.98 -36.11
C ALA D 113 2.33 26.00 -34.74
N LEU D 114 2.18 24.92 -33.97
CA LEU D 114 2.82 24.86 -32.66
C LEU D 114 4.35 24.80 -32.79
N VAL D 115 4.85 24.04 -33.77
CA VAL D 115 6.29 23.97 -34.01
C VAL D 115 6.85 25.35 -34.34
N GLU D 116 6.22 26.04 -35.28
CA GLU D 116 6.69 27.37 -35.68
C GLU D 116 6.52 28.38 -34.56
N GLU D 117 5.52 28.19 -33.70
CA GLU D 117 5.33 29.09 -32.57
C GLU D 117 6.43 28.89 -31.53
N MET D 118 6.90 27.65 -31.36
CA MET D 118 7.85 27.36 -30.30
C MET D 118 9.31 27.47 -30.72
N VAL D 119 9.60 27.38 -32.02
CA VAL D 119 11.00 27.46 -32.48
C VAL D 119 11.76 28.65 -31.91
N PRO D 120 11.23 29.89 -31.94
CA PRO D 120 12.00 31.01 -31.36
C PRO D 120 12.33 30.80 -29.89
N PHE D 121 11.41 30.19 -29.14
CA PHE D 121 11.66 29.95 -27.72
C PHE D 121 12.67 28.83 -27.52
N ALA D 122 12.65 27.82 -28.38
CA ALA D 122 13.68 26.78 -28.30
C ALA D 122 15.06 27.35 -28.60
N GLU D 123 15.14 28.31 -29.53
CA GLU D 123 16.42 28.98 -29.78
C GLU D 123 16.84 29.83 -28.58
N GLN D 124 15.90 30.56 -28.00
CA GLN D 124 16.18 31.29 -26.76
C GLN D 124 16.67 30.34 -25.68
N ILE D 125 16.12 29.13 -25.63
CA ILE D 125 16.52 28.14 -24.64
C ILE D 125 17.94 27.67 -24.90
N THR D 126 18.27 27.37 -26.16
CA THR D 126 19.65 27.03 -26.51
C THR D 126 20.59 28.16 -26.09
N GLN D 127 20.17 29.41 -26.28
CA GLN D 127 21.01 30.54 -25.93
C GLN D 127 21.18 30.67 -24.42
N SER D 128 20.10 30.45 -23.67
CA SER D 128 20.13 30.55 -22.22
C SER D 128 20.94 29.40 -21.61
N THR D 129 20.88 28.21 -22.22
CA THR D 129 21.66 27.08 -21.75
C THR D 129 23.15 27.38 -21.83
N PHE D 130 23.59 28.00 -22.93
CA PHE D 130 25.00 28.34 -23.10
C PHE D 130 25.52 29.18 -21.94
N GLY D 131 24.66 29.99 -21.33
CA GLY D 131 25.08 30.78 -20.19
C GLY D 131 26.19 31.72 -20.56
N GLY D 132 27.22 31.76 -19.73
CA GLY D 132 28.33 32.67 -19.85
C GLY D 132 29.50 32.20 -20.70
N LEU D 133 29.33 31.13 -21.47
CA LEU D 133 30.42 30.67 -22.34
C LEU D 133 30.69 31.70 -23.42
N ASN D 134 31.96 32.02 -23.65
CA ASN D 134 32.28 32.87 -24.78
C ASN D 134 32.16 32.04 -26.05
N PRO D 135 32.08 32.67 -27.23
CA PRO D 135 31.85 31.91 -28.46
C PRO D 135 32.77 30.72 -28.66
N ALA D 136 34.06 30.87 -28.37
CA ALA D 136 34.99 29.75 -28.50
C ALA D 136 34.58 28.60 -27.59
N GLU D 137 34.17 28.91 -26.36
CA GLU D 137 33.73 27.87 -25.43
C GLU D 137 32.47 27.19 -25.93
N ARG D 138 31.60 27.92 -26.64
CA ARG D 138 30.39 27.32 -27.20
C ARG D 138 30.73 26.36 -28.34
N VAL D 139 31.60 26.81 -29.26
CA VAL D 139 32.08 25.93 -30.31
C VAL D 139 32.68 24.67 -29.70
N ALA D 140 33.44 24.84 -28.61
CA ALA D 140 34.08 23.72 -27.96
C ALA D 140 33.06 22.78 -27.33
N ILE D 141 32.03 23.32 -26.66
CA ILE D 141 31.10 22.45 -25.96
C ILE D 141 30.29 21.64 -26.96
N VAL D 142 29.86 22.25 -28.07
CA VAL D 142 29.12 21.47 -29.06
C VAL D 142 30.05 20.47 -29.75
N TYR D 143 31.29 20.88 -30.04
CA TYR D 143 32.27 19.99 -30.63
C TYR D 143 32.49 18.75 -29.77
N LEU D 144 32.68 18.96 -28.47
CA LEU D 144 33.02 17.86 -27.57
C LEU D 144 31.82 16.98 -27.29
N LEU D 145 30.64 17.57 -27.10
CA LEU D 145 29.45 16.77 -26.88
C LEU D 145 29.09 15.94 -28.11
N ARG D 146 29.39 16.44 -29.31
CA ARG D 146 29.17 15.64 -30.50
C ARG D 146 30.26 14.57 -30.68
N LYS D 147 31.52 14.92 -30.42
CA LYS D 147 32.63 13.98 -30.57
C LYS D 147 32.55 12.85 -29.56
N MET D 148 32.07 13.13 -28.34
CA MET D 148 32.00 12.12 -27.29
C MET D 148 30.91 11.10 -27.53
N SER D 149 29.87 11.46 -28.28
CA SER D 149 28.77 10.55 -28.55
C SER D 149 29.10 9.52 -29.63
N ASP D 150 30.24 9.64 -30.29
CA ASP D 150 30.59 8.80 -31.45
C ASP D 150 31.81 7.94 -31.08
N ALA D 151 31.55 6.71 -30.64
CA ALA D 151 32.61 5.75 -30.37
C ALA D 151 32.04 4.34 -30.22
N GLY E 13 10.03 -32.85 48.01
CA GLY E 13 9.14 -32.27 49.00
C GLY E 13 7.67 -32.56 48.73
N PRO E 14 6.83 -32.35 49.75
CA PRO E 14 5.38 -32.55 49.58
C PRO E 14 4.81 -31.73 48.43
N TYR E 15 3.72 -32.22 47.86
CA TYR E 15 3.06 -31.55 46.75
C TYR E 15 2.11 -30.48 47.26
N HIS E 16 2.35 -29.23 46.87
CA HIS E 16 1.44 -28.12 47.11
C HIS E 16 1.02 -27.59 45.75
N PHE E 17 -0.27 -27.73 45.41
CA PHE E 17 -0.73 -27.26 44.11
C PHE E 17 -0.55 -25.75 43.97
N SER E 18 -0.62 -25.02 45.08
CA SER E 18 -0.54 -23.56 45.04
C SER E 18 0.77 -23.05 44.46
N GLU E 19 1.82 -23.86 44.43
CA GLU E 19 3.13 -23.43 43.95
C GLU E 19 3.52 -24.12 42.65
N GLN E 20 2.56 -24.69 41.94
CA GLN E 20 2.81 -25.32 40.65
C GLN E 20 2.56 -24.33 39.52
N VAL E 21 3.31 -24.50 38.42
CA VAL E 21 3.25 -23.55 37.31
C VAL E 21 1.84 -23.50 36.72
N GLY E 22 1.07 -24.57 36.84
CA GLY E 22 -0.28 -24.56 36.29
C GLY E 22 -1.21 -23.67 37.11
N HIS E 23 -1.10 -23.74 38.43
CA HIS E 23 -1.90 -22.86 39.30
C HIS E 23 -1.57 -21.40 39.04
N LEU E 24 -0.27 -21.08 38.92
CA LEU E 24 0.15 -19.71 38.66
C LEU E 24 -0.31 -19.24 37.28
N LEU E 25 -0.22 -20.11 36.28
CA LEU E 25 -0.73 -19.76 34.95
C LEU E 25 -2.22 -19.47 34.99
N ARG E 26 -2.99 -20.34 35.66
CA ARG E 26 -4.43 -20.12 35.75
C ARG E 26 -4.73 -18.78 36.41
N ARG E 27 -4.07 -18.51 37.54
CA ARG E 27 -4.36 -17.27 38.27
C ARG E 27 -3.95 -16.03 37.49
N ALA E 28 -2.78 -16.07 36.84
CA ALA E 28 -2.34 -14.92 36.06
C ALA E 28 -3.28 -14.66 34.90
N TYR E 29 -3.67 -15.71 34.18
CA TYR E 29 -4.58 -15.56 33.06
C TYR E 29 -5.96 -15.06 33.52
N GLN E 30 -6.45 -15.55 34.67
CA GLN E 30 -7.73 -15.07 35.18
C GLN E 30 -7.67 -13.59 35.53
N ARG E 31 -6.56 -13.16 36.13
CA ARG E 31 -6.38 -11.75 36.44
C ARG E 31 -6.36 -10.91 35.17
N HIS E 32 -5.63 -11.38 34.15
CA HIS E 32 -5.59 -10.64 32.89
C HIS E 32 -6.96 -10.60 32.22
N VAL E 33 -7.74 -11.68 32.35
CA VAL E 33 -9.09 -11.69 31.78
C VAL E 33 -9.98 -10.69 32.52
N ALA E 34 -9.81 -10.59 33.84
CA ALA E 34 -10.55 -9.59 34.60
C ALA E 34 -10.18 -8.18 34.14
N ILE E 35 -8.89 -7.96 33.85
CA ILE E 35 -8.45 -6.65 33.37
C ILE E 35 -9.07 -6.35 32.00
N PHE E 36 -9.00 -7.33 31.09
CA PHE E 36 -9.60 -7.19 29.77
C PHE E 36 -11.08 -6.86 29.85
N GLN E 37 -11.82 -7.54 30.73
CA GLN E 37 -13.26 -7.31 30.84
C GLN E 37 -13.57 -6.01 31.56
N GLN E 38 -12.71 -5.58 32.48
CA GLN E 38 -12.93 -4.33 33.19
C GLN E 38 -12.55 -3.12 32.34
N THR E 39 -11.79 -3.32 31.27
CA THR E 39 -11.45 -2.23 30.36
C THR E 39 -12.30 -2.23 29.10
N ILE E 40 -12.49 -3.40 28.49
CA ILE E 40 -13.37 -3.58 27.34
C ILE E 40 -14.53 -4.48 27.77
N PRO E 41 -15.76 -3.98 27.80
CA PRO E 41 -16.87 -4.81 28.31
C PRO E 41 -17.11 -6.03 27.43
N ASP E 42 -17.34 -7.16 28.08
CA ASP E 42 -17.64 -8.41 27.39
C ASP E 42 -18.80 -8.27 26.41
N SER E 43 -19.73 -7.35 26.70
CA SER E 43 -20.89 -7.16 25.84
C SER E 43 -20.50 -6.66 24.45
N LYS E 44 -19.56 -5.71 24.38
CA LYS E 44 -19.18 -5.11 23.10
C LYS E 44 -18.32 -6.06 22.29
N LEU E 45 -17.22 -6.54 22.87
CA LEU E 45 -16.32 -7.45 22.19
C LEU E 45 -15.70 -8.39 23.21
N THR E 46 -15.56 -9.65 22.83
CA THR E 46 -14.77 -10.59 23.61
C THR E 46 -13.35 -10.61 23.06
N ALA E 47 -12.42 -11.06 23.89
CA ALA E 47 -11.04 -11.21 23.43
C ALA E 47 -10.99 -12.05 22.16
N ALA E 48 -11.82 -13.09 22.08
CA ALA E 48 -11.85 -13.94 20.90
C ALA E 48 -12.34 -13.18 19.67
N GLN E 49 -13.47 -12.47 19.81
CA GLN E 49 -14.00 -11.68 18.70
C GLN E 49 -13.01 -10.61 18.26
N PHE E 50 -12.43 -9.90 19.24
CA PHE E 50 -11.46 -8.86 18.96
C PHE E 50 -10.24 -9.42 18.22
N VAL E 51 -9.77 -10.59 18.64
CA VAL E 51 -8.60 -11.20 18.04
C VAL E 51 -8.90 -11.68 16.61
N VAL E 52 -10.10 -12.21 16.38
CA VAL E 52 -10.46 -12.62 15.02
C VAL E 52 -10.55 -11.39 14.11
N LEU E 53 -11.14 -10.31 14.60
CA LEU E 53 -11.22 -9.08 13.79
C LEU E 53 -9.82 -8.51 13.54
N CYS E 54 -8.94 -8.57 14.54
CA CYS E 54 -7.57 -8.10 14.34
C CYS E 54 -6.85 -8.95 13.30
N ALA E 55 -7.11 -10.25 13.28
CA ALA E 55 -6.53 -11.10 12.26
C ALA E 55 -7.06 -10.73 10.88
N LEU E 56 -8.37 -10.46 10.78
CA LEU E 56 -8.94 -10.04 9.50
C LEU E 56 -8.31 -8.73 9.03
N ARG E 57 -8.02 -7.83 9.95
CA ARG E 57 -7.42 -6.56 9.59
C ARG E 57 -5.96 -6.70 9.18
N ASP E 58 -5.21 -7.54 9.90
CA ASP E 58 -3.77 -7.64 9.67
C ASP E 58 -3.42 -8.50 8.46
N GLN E 59 -4.22 -9.55 8.19
CA GLN E 59 -3.90 -10.49 7.13
C GLN E 59 -4.81 -10.34 5.92
N GLY E 60 -5.81 -9.47 5.98
CA GLY E 60 -6.73 -9.25 4.89
C GLY E 60 -7.89 -10.23 4.91
N ALA E 61 -8.23 -10.78 3.74
CA ALA E 61 -9.29 -11.78 3.68
C ALA E 61 -8.74 -13.12 4.15
N CYS E 62 -9.44 -13.74 5.10
CA CYS E 62 -8.97 -14.97 5.73
C CYS E 62 -10.02 -16.06 5.62
N SER E 63 -9.54 -17.30 5.53
CA SER E 63 -10.37 -18.48 5.65
C SER E 63 -10.24 -19.04 7.07
N LEU E 64 -11.14 -19.97 7.40
CA LEU E 64 -11.15 -20.56 8.73
C LEU E 64 -9.76 -21.09 9.10
N VAL E 65 -9.06 -21.70 8.14
CA VAL E 65 -7.69 -22.15 8.39
C VAL E 65 -6.79 -20.95 8.72
N ASP E 66 -6.95 -19.86 7.97
CA ASP E 66 -6.17 -18.66 8.23
C ASP E 66 -6.52 -18.05 9.58
N VAL E 67 -7.81 -18.01 9.92
CA VAL E 67 -8.20 -17.44 11.21
C VAL E 67 -7.51 -18.28 12.26
N VAL E 68 -7.68 -19.59 12.23
CA VAL E 68 -6.98 -20.46 13.19
C VAL E 68 -5.49 -20.15 13.29
N LYS E 69 -4.79 -20.17 12.16
CA LYS E 69 -3.34 -19.99 12.17
C LYS E 69 -2.94 -18.62 12.72
N ALA E 70 -3.82 -17.62 12.58
CA ALA E 70 -3.51 -16.28 13.08
C ALA E 70 -3.98 -16.08 14.51
N THR E 71 -5.01 -16.79 14.94
CA THR E 71 -5.62 -16.56 16.24
C THR E 71 -5.28 -17.67 17.25
N ALA E 72 -4.79 -18.81 16.78
CA ALA E 72 -4.48 -19.95 17.65
C ALA E 72 -5.71 -20.34 18.48
N ILE E 73 -6.86 -20.39 17.82
CA ILE E 73 -8.11 -20.79 18.43
C ILE E 73 -8.70 -21.91 17.59
N ASP E 74 -9.27 -22.92 18.25
CA ASP E 74 -9.77 -24.09 17.56
C ASP E 74 -10.85 -23.72 16.55
N GLN E 75 -10.99 -24.56 15.52
CA GLN E 75 -11.93 -24.31 14.44
C GLN E 75 -13.33 -24.05 14.94
N ALA E 76 -13.77 -24.79 15.96
CA ALA E 76 -15.14 -24.66 16.44
C ALA E 76 -15.38 -23.29 17.08
N THR E 77 -14.49 -22.87 17.99
CA THR E 77 -14.65 -21.58 18.64
C THR E 77 -14.49 -20.43 17.64
N VAL E 78 -13.58 -20.60 16.67
CA VAL E 78 -13.40 -19.59 15.62
C VAL E 78 -14.66 -19.48 14.78
N ARG E 79 -15.25 -20.61 14.40
CA ARG E 79 -16.48 -20.59 13.61
C ARG E 79 -17.62 -19.94 14.39
N GLY E 80 -17.74 -20.27 15.68
CA GLY E 80 -18.77 -19.67 16.50
C GLY E 80 -18.61 -18.17 16.61
N VAL E 81 -17.38 -17.70 16.84
CA VAL E 81 -17.12 -16.27 16.94
C VAL E 81 -17.41 -15.58 15.61
N ILE E 82 -17.00 -16.20 14.49
CA ILE E 82 -17.24 -15.62 13.18
C ILE E 82 -18.73 -15.49 12.90
N GLU E 83 -19.50 -16.53 13.23
CA GLU E 83 -20.95 -16.47 13.05
C GLU E 83 -21.57 -15.39 13.92
N ARG E 84 -21.23 -15.38 15.21
CA ARG E 84 -21.80 -14.41 16.13
C ARG E 84 -21.44 -12.98 15.76
N LEU E 85 -20.32 -12.79 15.05
CA LEU E 85 -19.92 -11.46 14.61
C LEU E 85 -20.60 -11.08 13.31
N LYS E 86 -20.76 -12.04 12.39
CA LYS E 86 -21.51 -11.77 11.17
C LYS E 86 -22.95 -11.39 11.49
N ALA E 87 -23.52 -11.98 12.54
CA ALA E 87 -24.84 -11.55 12.99
C ALA E 87 -24.82 -10.08 13.42
N ARG E 88 -23.71 -9.61 13.98
CA ARG E 88 -23.57 -8.23 14.42
C ARG E 88 -23.07 -7.31 13.33
N LYS E 89 -22.87 -7.81 12.11
CA LYS E 89 -22.40 -7.01 10.97
C LYS E 89 -21.04 -6.38 11.25
N LEU E 90 -20.19 -7.06 12.03
CA LEU E 90 -18.82 -6.63 12.25
C LEU E 90 -17.83 -7.33 11.32
N LEU E 91 -18.27 -8.41 10.68
CA LEU E 91 -17.53 -9.03 9.59
C LEU E 91 -18.55 -9.64 8.64
N ALA E 92 -18.07 -9.98 7.45
CA ALA E 92 -18.91 -10.56 6.42
C ALA E 92 -18.29 -11.87 5.96
N VAL E 93 -19.14 -12.79 5.53
CA VAL E 93 -18.73 -14.13 5.13
C VAL E 93 -19.18 -14.30 3.69
N SER E 94 -18.23 -14.29 2.76
CA SER E 94 -18.52 -14.42 1.34
C SER E 94 -18.25 -15.86 0.95
N HIS E 95 -19.33 -16.60 0.71
CA HIS E 95 -19.28 -18.01 0.37
C HIS E 95 -19.42 -18.14 -1.15
N ASP E 96 -18.52 -18.89 -1.75
CA ASP E 96 -18.52 -19.22 -3.17
C ASP E 96 -18.50 -17.99 -4.06
N PRO E 97 -17.64 -16.99 -3.83
CA PRO E 97 -17.45 -15.97 -4.87
C PRO E 97 -16.67 -16.51 -6.05
N ALA E 98 -15.77 -17.46 -5.80
CA ALA E 98 -15.03 -18.16 -6.84
C ALA E 98 -15.54 -19.58 -7.04
N ASP E 99 -15.67 -20.36 -5.96
CA ASP E 99 -16.03 -21.76 -6.06
C ASP E 99 -16.93 -22.16 -4.90
N ARG E 100 -17.90 -23.03 -5.20
CA ARG E 100 -18.81 -23.54 -4.17
C ARG E 100 -18.03 -24.19 -3.04
N ARG E 101 -18.32 -23.74 -1.81
CA ARG E 101 -17.71 -24.22 -0.56
C ARG E 101 -16.29 -23.69 -0.37
N LYS E 102 -15.96 -22.57 -1.00
CA LYS E 102 -14.68 -21.89 -0.84
C LYS E 102 -15.05 -20.56 -0.19
N VAL E 103 -15.05 -20.55 1.15
CA VAL E 103 -15.49 -19.38 1.91
C VAL E 103 -14.31 -18.45 2.14
N LEU E 104 -14.62 -17.15 2.23
CA LEU E 104 -13.65 -16.12 2.55
C LEU E 104 -14.30 -15.08 3.45
N VAL E 105 -13.69 -14.82 4.59
CA VAL E 105 -14.23 -13.90 5.58
C VAL E 105 -13.53 -12.55 5.42
N THR E 106 -14.33 -11.49 5.38
CA THR E 106 -13.82 -10.14 5.15
C THR E 106 -14.32 -9.21 6.25
N LEU E 107 -13.68 -8.05 6.33
CA LEU E 107 -13.96 -7.07 7.36
C LEU E 107 -15.00 -6.06 6.86
N THR E 108 -15.87 -5.60 7.78
CA THR E 108 -16.87 -4.59 7.45
C THR E 108 -16.44 -3.22 7.97
N PRO E 109 -17.02 -2.14 7.44
CA PRO E 109 -16.62 -0.80 7.92
C PRO E 109 -16.79 -0.58 9.42
N ASP E 110 -17.93 -0.97 9.98
CA ASP E 110 -18.12 -0.83 11.42
C ASP E 110 -17.13 -1.72 12.19
N GLY E 111 -16.84 -2.90 11.67
CA GLY E 111 -15.87 -3.77 12.32
C GLY E 111 -14.45 -3.20 12.29
N ARG E 112 -14.02 -2.70 11.14
CA ARG E 112 -12.69 -2.10 11.05
C ARG E 112 -12.57 -0.86 11.94
N ALA E 113 -13.64 -0.07 11.99
CA ALA E 113 -13.67 1.09 12.88
C ALA E 113 -13.61 0.67 14.34
N LEU E 114 -14.31 -0.42 14.70
CA LEU E 114 -14.30 -0.91 16.07
C LEU E 114 -12.91 -1.41 16.46
N VAL E 115 -12.23 -2.11 15.55
CA VAL E 115 -10.85 -2.55 15.83
C VAL E 115 -9.95 -1.35 16.08
N GLU E 116 -10.01 -0.35 15.19
CA GLU E 116 -9.16 0.82 15.36
C GLU E 116 -9.53 1.62 16.60
N GLU E 117 -10.80 1.58 16.99
CA GLU E 117 -11.24 2.27 18.21
C GLU E 117 -10.73 1.58 19.47
N MET E 118 -10.67 0.25 19.44
CA MET E 118 -10.34 -0.52 20.64
C MET E 118 -8.85 -0.78 20.82
N VAL E 119 -8.06 -0.68 19.74
CA VAL E 119 -6.62 -0.95 19.86
C VAL E 119 -5.97 -0.24 21.05
N PRO E 120 -6.18 1.06 21.27
CA PRO E 120 -5.59 1.69 22.47
C PRO E 120 -6.04 1.04 23.77
N PHE E 121 -7.26 0.51 23.82
CA PHE E 121 -7.74 -0.14 25.03
C PHE E 121 -7.01 -1.46 25.26
N ALA E 122 -6.74 -2.20 24.18
CA ALA E 122 -5.93 -3.41 24.30
C ALA E 122 -4.50 -3.09 24.72
N GLU E 123 -3.98 -1.94 24.28
CA GLU E 123 -2.64 -1.54 24.72
C GLU E 123 -2.63 -1.22 26.21
N GLN E 124 -3.64 -0.48 26.68
CA GLN E 124 -3.79 -0.22 28.10
C GLN E 124 -3.93 -1.53 28.88
N ILE E 125 -4.62 -2.51 28.29
CA ILE E 125 -4.82 -3.81 28.94
C ILE E 125 -3.48 -4.54 29.08
N THR E 126 -2.68 -4.56 28.01
CA THR E 126 -1.35 -5.15 28.10
C THR E 126 -0.51 -4.47 29.18
N GLN E 127 -0.57 -3.14 29.26
CA GLN E 127 0.25 -2.44 30.24
C GLN E 127 -0.20 -2.74 31.66
N SER E 128 -1.53 -2.82 31.88
CA SER E 128 -2.02 -3.16 33.20
C SER E 128 -1.71 -4.61 33.55
N THR E 129 -1.74 -5.50 32.55
CA THR E 129 -1.41 -6.90 32.80
C THR E 129 0.03 -7.05 33.26
N PHE E 130 0.96 -6.34 32.60
CA PHE E 130 2.35 -6.39 33.05
C PHE E 130 2.49 -5.92 34.49
N GLY E 131 1.60 -5.03 34.92
CA GLY E 131 1.64 -4.56 36.30
C GLY E 131 2.95 -3.86 36.59
N GLY E 132 3.54 -4.21 37.73
CA GLY E 132 4.76 -3.59 38.21
C GLY E 132 6.04 -4.27 37.76
N LEU E 133 5.99 -5.16 36.77
CA LEU E 133 7.19 -5.83 36.30
C LEU E 133 8.14 -4.83 35.66
N ASN E 134 9.42 -4.94 36.01
CA ASN E 134 10.44 -4.11 35.39
C ASN E 134 10.72 -4.62 33.98
N PRO E 135 11.40 -3.81 33.14
CA PRO E 135 11.57 -4.21 31.72
C PRO E 135 12.15 -5.61 31.52
N ALA E 136 13.16 -5.98 32.31
CA ALA E 136 13.73 -7.31 32.19
C ALA E 136 12.67 -8.38 32.46
N GLU E 137 11.84 -8.15 33.48
CA GLU E 137 10.78 -9.11 33.80
C GLU E 137 9.74 -9.19 32.69
N ARG E 138 9.45 -8.09 32.00
CA ARG E 138 8.49 -8.12 30.90
C ARG E 138 9.03 -8.91 29.71
N VAL E 139 10.25 -8.57 29.28
CA VAL E 139 10.90 -9.33 28.21
C VAL E 139 10.98 -10.80 28.59
N ALA E 140 11.32 -11.08 29.86
CA ALA E 140 11.46 -12.45 30.30
C ALA E 140 10.13 -13.19 30.26
N ILE E 141 9.05 -12.56 30.71
CA ILE E 141 7.77 -13.26 30.76
C ILE E 141 7.25 -13.54 29.36
N VAL E 142 7.42 -12.60 28.43
CA VAL E 142 6.96 -12.89 27.07
C VAL E 142 7.84 -13.94 26.42
N TYR E 143 9.15 -13.87 26.65
CA TYR E 143 10.08 -14.89 26.15
C TYR E 143 9.70 -16.27 26.65
N LEU E 144 9.44 -16.38 27.96
CA LEU E 144 9.21 -17.68 28.57
C LEU E 144 7.84 -18.24 28.19
N LEU E 145 6.81 -17.37 28.13
CA LEU E 145 5.50 -17.83 27.70
C LEU E 145 5.53 -18.28 26.25
N ARG E 146 6.36 -17.65 25.41
CA ARG E 146 6.49 -18.11 24.03
C ARG E 146 7.28 -19.41 23.95
N LYS E 147 8.35 -19.52 24.72
CA LYS E 147 9.16 -20.74 24.71
C LYS E 147 8.36 -21.93 25.22
N MET E 148 7.47 -21.68 26.18
CA MET E 148 6.62 -22.75 26.70
C MET E 148 5.53 -23.09 25.70
N SER E 149 4.61 -22.14 25.45
CA SER E 149 3.52 -22.34 24.51
C SER E 149 3.99 -22.95 23.20
N ASP E 150 5.07 -22.41 22.62
CA ASP E 150 5.57 -22.87 21.33
C ASP E 150 6.52 -24.04 21.55
N ALA E 151 5.94 -25.24 21.67
CA ALA E 151 6.68 -26.46 21.94
C ALA E 151 6.36 -27.46 20.83
N ASP E 152 6.95 -27.25 19.65
CA ASP E 152 6.80 -28.19 18.54
C ASP E 152 8.02 -28.14 17.62
N PRO F 12 3.24 2.36 21.23
CA PRO F 12 4.47 2.41 20.43
C PRO F 12 4.50 1.33 19.34
N GLY F 13 4.02 1.68 18.14
CA GLY F 13 4.08 0.77 17.03
C GLY F 13 2.76 0.10 16.73
N PRO F 14 2.66 -0.51 15.54
CA PRO F 14 1.42 -1.24 15.20
C PRO F 14 1.10 -2.30 16.24
N TYR F 15 -0.19 -2.59 16.37
CA TYR F 15 -0.66 -3.55 17.37
C TYR F 15 -0.62 -4.95 16.77
N HIS F 16 0.15 -5.83 17.41
CA HIS F 16 0.15 -7.26 17.08
C HIS F 16 -0.32 -8.00 18.32
N PHE F 17 -1.53 -8.56 18.25
CA PHE F 17 -2.07 -9.31 19.38
C PHE F 17 -1.25 -10.55 19.68
N SER F 18 -0.66 -11.17 18.65
CA SER F 18 0.12 -12.38 18.84
C SER F 18 1.31 -12.15 19.76
N GLU F 19 1.71 -10.90 19.94
CA GLU F 19 2.88 -10.54 20.73
C GLU F 19 2.51 -9.86 22.03
N GLN F 20 1.25 -9.93 22.44
CA GLN F 20 0.84 -9.37 23.71
C GLN F 20 0.88 -10.43 24.79
N VAL F 21 1.22 -10.01 26.00
CA VAL F 21 1.39 -10.95 27.10
C VAL F 21 0.08 -11.68 27.38
N GLY F 22 -1.05 -11.06 27.04
CA GLY F 22 -2.33 -11.72 27.25
C GLY F 22 -2.54 -12.89 26.31
N HIS F 23 -2.17 -12.72 25.02
CA HIS F 23 -2.26 -13.83 24.08
C HIS F 23 -1.36 -14.97 24.51
N LEU F 24 -0.15 -14.65 24.97
CA LEU F 24 0.79 -15.67 25.40
C LEU F 24 0.30 -16.38 26.66
N LEU F 25 -0.27 -15.63 27.60
CA LEU F 25 -0.85 -16.24 28.80
C LEU F 25 -1.98 -17.18 28.42
N ARG F 26 -2.88 -16.73 27.54
CA ARG F 26 -3.99 -17.57 27.10
C ARG F 26 -3.46 -18.85 26.47
N ARG F 27 -2.49 -18.74 25.56
CA ARG F 27 -1.99 -19.90 24.86
C ARG F 27 -1.30 -20.88 25.82
N ALA F 28 -0.51 -20.35 26.75
CA ALA F 28 0.17 -21.21 27.72
C ALA F 28 -0.85 -21.93 28.60
N TYR F 29 -1.86 -21.21 29.09
CA TYR F 29 -2.87 -21.85 29.92
C TYR F 29 -3.66 -22.89 29.14
N GLN F 30 -3.96 -22.61 27.87
CA GLN F 30 -4.70 -23.57 27.05
C GLN F 30 -3.89 -24.85 26.83
N ARG F 31 -2.60 -24.69 26.54
CA ARG F 31 -1.75 -25.86 26.35
C ARG F 31 -1.63 -26.66 27.63
N HIS F 32 -1.45 -25.99 28.77
CA HIS F 32 -1.37 -26.72 30.03
C HIS F 32 -2.69 -27.40 30.36
N VAL F 33 -3.83 -26.79 30.03
CA VAL F 33 -5.12 -27.44 30.26
C VAL F 33 -5.26 -28.67 29.37
N ALA F 34 -4.81 -28.58 28.12
CA ALA F 34 -4.83 -29.75 27.26
C ALA F 34 -3.95 -30.86 27.83
N ILE F 35 -2.80 -30.50 28.40
CA ILE F 35 -1.91 -31.49 29.00
C ILE F 35 -2.59 -32.12 30.22
N PHE F 36 -3.16 -31.29 31.09
CA PHE F 36 -3.88 -31.79 32.26
C PHE F 36 -4.97 -32.77 31.86
N GLN F 37 -5.76 -32.43 30.84
CA GLN F 37 -6.86 -33.29 30.44
C GLN F 37 -6.38 -34.55 29.74
N GLN F 38 -5.22 -34.47 29.07
CA GLN F 38 -4.65 -35.65 28.44
C GLN F 38 -3.95 -36.56 29.45
N THR F 39 -3.64 -36.05 30.64
CA THR F 39 -3.01 -36.86 31.69
C THR F 39 -3.98 -37.32 32.77
N ILE F 40 -4.87 -36.45 33.25
CA ILE F 40 -5.88 -36.82 34.23
C ILE F 40 -7.24 -36.71 33.56
N PRO F 41 -7.96 -37.82 33.38
CA PRO F 41 -9.24 -37.77 32.64
C PRO F 41 -10.31 -36.96 33.38
N ASP F 42 -11.02 -36.12 32.61
CA ASP F 42 -12.12 -35.34 33.17
C ASP F 42 -13.17 -36.23 33.82
N SER F 43 -13.35 -37.45 33.32
CA SER F 43 -14.33 -38.36 33.88
C SER F 43 -13.96 -38.74 35.31
N LYS F 44 -12.67 -39.00 35.55
CA LYS F 44 -12.23 -39.37 36.89
C LYS F 44 -12.14 -38.14 37.78
N LEU F 45 -11.34 -37.15 37.36
CA LEU F 45 -11.20 -35.92 38.12
C LEU F 45 -10.91 -34.76 37.17
N THR F 46 -11.54 -33.63 37.44
CA THR F 46 -11.23 -32.38 36.78
C THR F 46 -10.21 -31.60 37.61
N ALA F 47 -9.52 -30.67 36.95
CA ALA F 47 -8.56 -29.82 37.65
C ALA F 47 -9.18 -29.15 38.86
N ALA F 48 -10.42 -28.67 38.73
CA ALA F 48 -11.09 -28.01 39.84
C ALA F 48 -11.34 -28.96 41.00
N GLN F 49 -11.93 -30.13 40.71
CA GLN F 49 -12.18 -31.12 41.75
C GLN F 49 -10.89 -31.59 42.39
N PHE F 50 -9.86 -31.83 41.57
CA PHE F 50 -8.56 -32.26 42.08
C PHE F 50 -7.96 -31.21 43.02
N VAL F 51 -8.07 -29.93 42.65
CA VAL F 51 -7.51 -28.87 43.48
C VAL F 51 -8.29 -28.73 44.78
N VAL F 52 -9.62 -28.89 44.73
CA VAL F 52 -10.42 -28.84 45.95
C VAL F 52 -10.04 -29.98 46.88
N LEU F 53 -9.86 -31.18 46.33
CA LEU F 53 -9.46 -32.33 47.14
C LEU F 53 -8.08 -32.13 47.74
N CYS F 54 -7.14 -31.58 46.96
CA CYS F 54 -5.81 -31.30 47.48
C CYS F 54 -5.85 -30.27 48.59
N ALA F 55 -6.70 -29.25 48.45
CA ALA F 55 -6.85 -28.26 49.52
C ALA F 55 -7.39 -28.90 50.78
N LEU F 56 -8.40 -29.78 50.65
CA LEU F 56 -8.94 -30.46 51.81
C LEU F 56 -7.89 -31.35 52.47
N ARG F 57 -7.03 -31.99 51.68
CA ARG F 57 -6.00 -32.85 52.26
C ARG F 57 -4.91 -32.04 52.94
N ASP F 58 -4.53 -30.89 52.35
CA ASP F 58 -3.42 -30.09 52.84
C ASP F 58 -3.80 -29.25 54.05
N GLN F 59 -5.05 -28.80 54.13
CA GLN F 59 -5.48 -27.89 55.19
C GLN F 59 -6.31 -28.58 56.25
N GLY F 60 -6.65 -29.85 56.09
CA GLY F 60 -7.40 -30.56 57.11
C GLY F 60 -8.87 -30.31 56.98
N ALA F 61 -9.52 -30.00 58.10
CA ALA F 61 -10.94 -29.66 58.08
C ALA F 61 -11.08 -28.21 57.61
N CYS F 62 -11.90 -28.01 56.59
CA CYS F 62 -12.02 -26.70 55.96
C CYS F 62 -13.47 -26.27 55.88
N SER F 63 -13.69 -24.96 55.94
CA SER F 63 -14.96 -24.35 55.61
C SER F 63 -14.87 -23.77 54.21
N LEU F 64 -16.03 -23.44 53.65
CA LEU F 64 -16.08 -22.88 52.30
C LEU F 64 -15.17 -21.68 52.16
N VAL F 65 -15.09 -20.85 53.20
CA VAL F 65 -14.19 -19.70 53.19
C VAL F 65 -12.74 -20.15 53.06
N ASP F 66 -12.37 -21.19 53.82
CA ASP F 66 -11.00 -21.72 53.76
C ASP F 66 -10.70 -22.32 52.39
N VAL F 67 -11.64 -23.07 51.82
CA VAL F 67 -11.42 -23.67 50.51
C VAL F 67 -11.28 -22.57 49.45
N VAL F 68 -12.06 -21.50 49.58
CA VAL F 68 -11.92 -20.37 48.65
C VAL F 68 -10.53 -19.77 48.78
N LYS F 69 -10.12 -19.46 50.02
CA LYS F 69 -8.83 -18.82 50.24
C LYS F 69 -7.67 -19.72 49.79
N ALA F 70 -7.87 -21.04 49.80
CA ALA F 70 -6.80 -21.95 49.41
C ALA F 70 -6.78 -22.27 47.92
N THR F 71 -7.94 -22.26 47.25
CA THR F 71 -8.02 -22.72 45.87
C THR F 71 -8.17 -21.58 44.86
N ALA F 72 -8.54 -20.38 45.29
CA ALA F 72 -8.77 -19.25 44.40
C ALA F 72 -9.77 -19.62 43.31
N ILE F 73 -10.86 -20.27 43.74
CA ILE F 73 -11.96 -20.64 42.87
C ILE F 73 -13.22 -20.04 43.49
N ASP F 74 -14.07 -19.46 42.66
CA ASP F 74 -15.20 -18.69 43.18
C ASP F 74 -16.11 -19.57 44.03
N GLN F 75 -16.75 -18.91 45.00
CA GLN F 75 -17.56 -19.57 46.02
C GLN F 75 -18.62 -20.48 45.40
N ALA F 76 -19.26 -20.03 44.33
CA ALA F 76 -20.30 -20.83 43.69
C ALA F 76 -19.71 -22.10 43.09
N THR F 77 -18.58 -21.98 42.40
CA THR F 77 -17.93 -23.15 41.83
C THR F 77 -17.44 -24.09 42.91
N VAL F 78 -16.98 -23.56 44.05
CA VAL F 78 -16.58 -24.41 45.17
C VAL F 78 -17.77 -25.18 45.70
N ARG F 79 -18.92 -24.53 45.85
CA ARG F 79 -20.11 -25.24 46.30
C ARG F 79 -20.50 -26.34 45.33
N GLY F 80 -20.45 -26.05 44.03
CA GLY F 80 -20.76 -27.07 43.04
C GLY F 80 -19.82 -28.26 43.10
N VAL F 81 -18.51 -27.99 43.21
CA VAL F 81 -17.53 -29.08 43.29
C VAL F 81 -17.72 -29.88 44.56
N ILE F 82 -17.97 -29.22 45.69
CA ILE F 82 -18.17 -29.94 46.95
C ILE F 82 -19.38 -30.84 46.86
N GLU F 83 -20.48 -30.35 46.26
CA GLU F 83 -21.65 -31.20 46.08
C GLU F 83 -21.32 -32.38 45.19
N ARG F 84 -20.67 -32.14 44.05
CA ARG F 84 -20.38 -33.22 43.11
C ARG F 84 -19.43 -34.25 43.70
N LEU F 85 -18.59 -33.86 44.66
CA LEU F 85 -17.68 -34.81 45.30
C LEU F 85 -18.30 -35.53 46.48
N LYS F 86 -19.09 -34.83 47.30
CA LYS F 86 -19.81 -35.49 48.38
C LYS F 86 -20.78 -36.53 47.84
N ALA F 87 -21.37 -36.26 46.66
CA ALA F 87 -22.19 -37.27 46.01
C ALA F 87 -21.36 -38.51 45.68
N ARG F 88 -20.08 -38.33 45.37
CA ARG F 88 -19.18 -39.43 45.03
C ARG F 88 -18.49 -40.03 46.25
N LYS F 89 -18.81 -39.55 47.46
CA LYS F 89 -18.21 -40.03 48.70
C LYS F 89 -16.70 -39.85 48.70
N LEU F 90 -16.21 -38.80 48.04
CA LEU F 90 -14.80 -38.44 48.06
C LEU F 90 -14.51 -37.33 49.06
N LEU F 91 -15.54 -36.67 49.59
CA LEU F 91 -15.40 -35.80 50.74
C LEU F 91 -16.70 -35.91 51.54
N ALA F 92 -16.66 -35.39 52.77
CA ALA F 92 -17.81 -35.42 53.65
C ALA F 92 -18.11 -34.02 54.15
N VAL F 93 -19.40 -33.75 54.34
CA VAL F 93 -19.91 -32.46 54.77
C VAL F 93 -20.75 -32.73 56.02
N SER F 94 -20.22 -32.41 57.20
CA SER F 94 -21.00 -32.59 58.42
C SER F 94 -21.50 -31.22 58.85
N HIS F 95 -22.80 -31.11 59.06
CA HIS F 95 -23.45 -29.86 59.41
C HIS F 95 -23.78 -29.81 60.89
N ASP F 96 -23.40 -28.70 61.55
CA ASP F 96 -23.71 -28.27 62.91
C ASP F 96 -24.93 -28.93 63.55
N PRO F 97 -24.95 -29.08 64.88
CA PRO F 97 -26.20 -29.54 65.51
C PRO F 97 -27.33 -28.53 65.42
N ALA F 98 -27.03 -27.26 65.68
CA ALA F 98 -28.02 -26.18 65.64
C ALA F 98 -27.80 -25.34 64.39
N ASP F 99 -28.89 -24.97 63.73
CA ASP F 99 -28.90 -24.12 62.54
C ASP F 99 -28.23 -24.78 61.33
N ARG F 100 -27.35 -25.75 61.57
CA ARG F 100 -26.49 -26.33 60.52
C ARG F 100 -25.80 -25.24 59.70
N ARG F 101 -25.44 -24.14 60.38
CA ARG F 101 -24.75 -23.01 59.77
C ARG F 101 -23.30 -22.88 60.21
N LYS F 102 -22.65 -23.98 60.62
CA LYS F 102 -21.25 -23.96 60.98
C LYS F 102 -20.41 -24.79 60.01
N VAL F 103 -20.89 -25.98 59.66
CA VAL F 103 -20.36 -26.89 58.63
C VAL F 103 -18.89 -27.27 58.82
N LEU F 104 -18.55 -28.48 58.38
CA LEU F 104 -17.17 -28.93 58.31
C LEU F 104 -17.02 -29.82 57.09
N VAL F 105 -16.14 -29.43 56.16
CA VAL F 105 -15.88 -30.22 54.96
C VAL F 105 -14.54 -30.91 55.17
N THR F 106 -14.53 -32.23 55.03
CA THR F 106 -13.33 -33.02 55.24
C THR F 106 -13.19 -34.02 54.10
N LEU F 107 -12.02 -34.65 54.03
CA LEU F 107 -11.72 -35.64 53.02
C LEU F 107 -12.08 -37.02 53.54
N THR F 108 -12.53 -37.89 52.64
CA THR F 108 -12.84 -39.26 53.02
C THR F 108 -11.69 -40.18 52.64
N PRO F 109 -11.63 -41.39 53.23
CA PRO F 109 -10.55 -42.33 52.86
C PRO F 109 -10.46 -42.58 51.36
N ASP F 110 -11.60 -42.76 50.67
CA ASP F 110 -11.57 -42.88 49.22
C ASP F 110 -11.09 -41.59 48.57
N GLY F 111 -11.47 -40.44 49.14
CA GLY F 111 -11.01 -39.17 48.59
C GLY F 111 -9.51 -38.99 48.75
N ARG F 112 -8.98 -39.29 49.93
CA ARG F 112 -7.54 -39.21 50.14
C ARG F 112 -6.81 -40.24 49.29
N ALA F 113 -7.41 -41.41 49.08
CA ALA F 113 -6.82 -42.41 48.21
C ALA F 113 -6.73 -41.89 46.78
N LEU F 114 -7.78 -41.21 46.32
CA LEU F 114 -7.76 -40.64 44.98
C LEU F 114 -6.72 -39.52 44.88
N VAL F 115 -6.61 -38.68 45.90
CA VAL F 115 -5.59 -37.63 45.92
C VAL F 115 -4.19 -38.22 45.81
N GLU F 116 -3.91 -39.23 46.64
CA GLU F 116 -2.59 -39.85 46.63
C GLU F 116 -2.33 -40.59 45.33
N GLU F 117 -3.37 -41.14 44.70
CA GLU F 117 -3.20 -41.82 43.43
C GLU F 117 -2.92 -40.84 42.30
N MET F 118 -3.50 -39.64 42.37
CA MET F 118 -3.38 -38.68 41.27
C MET F 118 -2.20 -37.72 41.40
N VAL F 119 -1.69 -37.50 42.62
CA VAL F 119 -0.58 -36.56 42.81
C VAL F 119 0.59 -36.82 41.85
N PRO F 120 1.08 -38.05 41.67
CA PRO F 120 2.19 -38.25 40.72
C PRO F 120 1.85 -37.79 39.31
N PHE F 121 0.58 -37.90 38.90
CA PHE F 121 0.19 -37.45 37.58
C PHE F 121 0.17 -35.93 37.51
N ALA F 122 -0.23 -35.28 38.60
CA ALA F 122 -0.16 -33.81 38.64
C ALA F 122 1.28 -33.34 38.55
N GLU F 123 2.21 -34.07 39.17
CA GLU F 123 3.62 -33.71 39.03
C GLU F 123 4.12 -33.95 37.61
N GLN F 124 3.72 -35.06 36.98
CA GLN F 124 4.04 -35.27 35.58
C GLN F 124 3.51 -34.11 34.73
N ILE F 125 2.33 -33.60 35.07
CA ILE F 125 1.74 -32.50 34.32
C ILE F 125 2.55 -31.23 34.51
N THR F 126 2.89 -30.92 35.77
CA THR F 126 3.72 -29.76 36.06
C THR F 126 5.03 -29.82 35.29
N GLN F 127 5.65 -30.99 35.22
CA GLN F 127 6.93 -31.11 34.52
C GLN F 127 6.76 -31.02 33.01
N SER F 128 5.71 -31.61 32.46
CA SER F 128 5.50 -31.56 31.02
C SER F 128 5.14 -30.15 30.56
N THR F 129 4.42 -29.39 31.41
CA THR F 129 4.08 -28.01 31.07
C THR F 129 5.33 -27.16 30.87
N PHE F 130 6.33 -27.33 31.74
CA PHE F 130 7.56 -26.55 31.63
C PHE F 130 8.24 -26.73 30.29
N GLY F 131 8.05 -27.87 29.63
CA GLY F 131 8.61 -28.07 28.30
C GLY F 131 10.12 -27.98 28.30
N GLY F 132 10.65 -27.20 27.36
CA GLY F 132 12.08 -27.09 27.15
C GLY F 132 12.78 -26.04 27.97
N LEU F 133 12.13 -25.51 29.01
CA LEU F 133 12.77 -24.54 29.88
C LEU F 133 13.89 -25.20 30.68
N ASN F 134 15.03 -24.51 30.76
CA ASN F 134 16.11 -24.96 31.63
C ASN F 134 15.72 -24.65 33.07
N PRO F 135 16.40 -25.23 34.06
CA PRO F 135 15.99 -25.01 35.46
C PRO F 135 15.86 -23.54 35.83
N ALA F 136 16.81 -22.70 35.41
CA ALA F 136 16.73 -21.28 35.70
C ALA F 136 15.48 -20.66 35.08
N GLU F 137 15.15 -21.04 33.84
CA GLU F 137 13.95 -20.51 33.21
C GLU F 137 12.69 -20.97 33.93
N ARG F 138 12.70 -22.15 34.53
CA ARG F 138 11.56 -22.62 35.30
C ARG F 138 11.40 -21.80 36.58
N VAL F 139 12.50 -21.59 37.30
CA VAL F 139 12.47 -20.71 38.47
C VAL F 139 11.93 -19.34 38.06
N ALA F 140 12.39 -18.83 36.91
CA ALA F 140 11.98 -17.51 36.46
C ALA F 140 10.49 -17.47 36.12
N ILE F 141 9.97 -18.49 35.44
CA ILE F 141 8.58 -18.44 35.01
C ILE F 141 7.65 -18.54 36.21
N VAL F 142 7.98 -19.38 37.20
CA VAL F 142 7.10 -19.41 38.38
C VAL F 142 7.24 -18.12 39.17
N TYR F 143 8.45 -17.56 39.24
CA TYR F 143 8.67 -16.27 39.88
C TYR F 143 7.80 -15.18 39.26
N LEU F 144 7.78 -15.14 37.93
CA LEU F 144 7.08 -14.08 37.20
C LEU F 144 5.57 -14.27 37.27
N LEU F 145 5.10 -15.52 37.15
CA LEU F 145 3.68 -15.79 37.25
C LEU F 145 3.14 -15.51 38.65
N ARG F 146 3.95 -15.73 39.69
CA ARG F 146 3.49 -15.37 41.03
C ARG F 146 3.56 -13.88 41.27
N LYS F 147 4.63 -13.23 40.78
CA LYS F 147 4.78 -11.79 40.93
C LYS F 147 3.70 -11.02 40.20
N MET F 148 3.23 -11.55 39.07
CA MET F 148 2.19 -10.91 38.28
C MET F 148 0.82 -11.05 38.94
N SER F 149 0.41 -12.29 39.23
CA SER F 149 -0.89 -12.57 39.84
C SER F 149 -1.21 -11.63 41.00
N ASP F 150 -0.20 -11.11 41.70
CA ASP F 150 -0.39 -10.21 42.83
C ASP F 150 0.96 -9.60 43.19
N ALA F 151 0.91 -8.39 43.73
CA ALA F 151 2.12 -7.69 44.18
C ALA F 151 2.87 -8.51 45.22
CAA OA7 G . 16.70 19.06 -28.12
CAB OA7 G . 16.78 20.44 -28.02
CAC OA7 G . 16.61 21.02 -26.77
CAE OA7 G . 16.30 18.95 -25.78
CAF OA7 G . 16.45 18.30 -26.98
CAG OA7 G . 16.35 16.77 -27.06
NAD OA7 G . 16.38 20.26 -25.71
OAH OA7 G . 16.69 22.41 -26.63
OAI OA7 G . 16.80 16.15 -28.06
OAJ OA7 G . 15.80 16.15 -26.13
CAA OA7 H . 28.18 10.60 -10.93
CAB OA7 H . 29.30 9.95 -11.43
CAC OA7 H . 29.15 9.20 -12.59
CAE OA7 H . 26.90 9.72 -12.74
CAF OA7 H . 26.96 10.51 -11.59
CAG OA7 H . 25.72 11.22 -11.06
NAD OA7 H . 27.99 9.12 -13.18
OAH OA7 H . 30.26 8.52 -13.13
OAI OA7 H . 24.58 10.88 -11.45
OAJ OA7 H . 25.84 12.14 -10.22
CAA OA7 I . -21.72 12.26 -16.03
CAB OA7 I . -22.26 11.86 -17.24
CAC OA7 I . -21.41 11.30 -18.19
CAE OA7 I . -19.58 11.54 -16.78
CAF OA7 I . -20.36 12.08 -15.79
CAG OA7 I . -19.73 12.51 -14.47
NAD OA7 I . -20.13 11.17 -17.93
OAH OA7 I . -21.93 10.90 -19.43
OAI OA7 I . -20.45 12.72 -13.44
OAJ OA7 I . -18.49 12.65 -14.39
CAA OA7 J . -8.23 -4.49 -10.60
CAB OA7 J . -8.58 -4.89 -9.31
CAC OA7 J . -8.82 -3.91 -8.37
CAE OA7 J . -8.37 -2.22 -9.89
CAF OA7 J . -8.13 -3.14 -10.91
CAG OA7 J . -7.74 -2.68 -12.31
NAD OA7 J . -8.69 -2.63 -8.69
OAH OA7 J . -9.17 -4.26 -7.06
OAI OA7 J . -7.26 -1.52 -12.47
OAJ OA7 J . -7.90 -3.44 -13.29
CAA OA7 K . -2.99 -27.14 39.85
CAB OA7 K . -2.29 -28.17 39.25
CAC OA7 K . -2.39 -28.33 37.89
CAE OA7 K . -3.82 -26.50 37.71
CAF OA7 K . -3.77 -26.29 39.08
CAG OA7 K . -4.54 -25.15 39.75
NAD OA7 K . -3.14 -27.50 37.18
OAH OA7 K . -1.70 -29.37 37.26
OAI OA7 K . -5.32 -24.40 39.12
OAJ OA7 K . -4.36 -24.97 40.98
CAA OA7 L . -5.17 -11.44 23.09
CAB OA7 L . -4.74 -10.19 23.46
CAC OA7 L . -4.97 -9.76 24.76
CAE OA7 L . -5.99 -11.77 25.30
CAF OA7 L . -5.80 -12.26 24.02
CAG OA7 L . -6.29 -13.65 23.65
NAD OA7 L . -5.57 -10.56 25.62
OAH OA7 L . -4.55 -8.49 25.17
OAI OA7 L . -7.30 -14.11 24.25
OAJ OA7 L . -5.71 -14.33 22.77
#